data_3R4S
#
_entry.id   3R4S
#
_cell.length_a   98.381
_cell.length_b   77.047
_cell.length_c   108.567
_cell.angle_alpha   90.00
_cell.angle_beta   116.73
_cell.angle_gamma   90.00
#
_symmetry.space_group_name_H-M   'P 1 21 1'
#
loop_
_entity.id
_entity.type
_entity.pdbx_description
1 polymer 'Botulinum neurotoxin type C1'
2 non-polymer 'N-acetyl-beta-neuraminic acid'
3 non-polymer 'N-acetyl-alpha-neuraminic acid'
4 water water
#
_entity_poly.entity_id   1
_entity_poly.type   'polypeptide(L)'
_entity_poly.pdbx_seq_one_letter_code
;MRGSMANINDSKILSLQNRKNTLVDTSGYNAEVSEEGDVQLNPIFPFDFKLGSSGEDRGKVIVTQNENIVYNSMYESFSI
SFWIRINKWVSNLPGYTIIDSVKNNSGWSIGIISNFLVFTLKQNEDSEQSINFSYDISNNAPGYNKWFFVTVTNNMMGNM
KIYINGKLIDTIKVKELTGINFSKTITFEINKIPDTGLITSDSDNINMWIRDFYIFAKELDGKDINILFNSLQYTNVVKD
YWGNDLRYNKEYYMVNIDYLNRYMYANSRQIVFNTRRNNNDFNEGYKIIIKRIRGNTNDTRVRGGDILYFDMTINNKAYN
LFMKNETMYADNHSTEDIYAIGLREQTKDINDNIIFQIQPMNNTYYYASQIFKSNFNGENISGICSIGTYRFRLGGDWYR
HNYLVPTVKQGNYASLLESTSTHWGFVPVSEPGSAWSHPQFEK
;
_entity_poly.pdbx_strand_id   A,B
#
# COMPACT_ATOMS: atom_id res chain seq x y z
N SER A 4 11.91 5.56 13.25
CA SER A 4 11.82 6.65 14.21
C SER A 4 11.21 6.17 15.53
N MET A 5 11.69 5.04 16.02
CA MET A 5 11.18 4.47 17.27
C MET A 5 11.68 5.20 18.52
N ALA A 6 12.89 5.76 18.44
CA ALA A 6 13.49 6.42 19.60
C ALA A 6 12.57 7.52 20.13
N ASN A 7 12.06 8.34 19.22
CA ASN A 7 11.17 9.42 19.58
C ASN A 7 9.80 8.94 20.08
N ILE A 8 9.24 7.94 19.39
CA ILE A 8 7.99 7.32 19.81
C ILE A 8 8.12 6.79 21.24
N ASN A 9 9.20 6.06 21.48
CA ASN A 9 9.44 5.44 22.78
C ASN A 9 9.67 6.40 23.94
N ASP A 10 10.10 7.62 23.65
CA ASP A 10 10.29 8.61 24.69
C ASP A 10 9.03 8.79 25.54
N SER A 11 7.86 8.66 24.93
CA SER A 11 6.62 8.91 25.67
C SER A 11 6.01 7.62 26.22
N LYS A 12 6.69 6.51 26.06
CA LYS A 12 6.12 5.24 26.54
C LYS A 12 6.14 5.17 28.06
N ILE A 13 5.00 4.88 28.68
CA ILE A 13 4.93 4.89 30.15
C ILE A 13 4.55 3.54 30.73
N LEU A 14 4.22 2.59 29.86
CA LEU A 14 3.90 1.22 30.25
C LEU A 14 4.22 0.33 29.08
N SER A 15 4.94 -0.76 29.34
CA SER A 15 5.34 -1.67 28.29
C SER A 15 5.23 -3.09 28.83
N LEU A 16 4.01 -3.63 28.80
CA LEU A 16 3.75 -4.97 29.33
C LEU A 16 4.26 -6.02 28.35
N GLN A 17 5.29 -6.75 28.78
CA GLN A 17 5.94 -7.75 27.95
C GLN A 17 6.28 -9.01 28.71
N ASN A 18 6.39 -10.11 27.98
CA ASN A 18 6.84 -11.39 28.53
C ASN A 18 8.36 -11.44 28.38
N ARG A 19 9.07 -11.36 29.51
CA ARG A 19 10.53 -11.46 29.50
C ARG A 19 10.97 -12.53 30.51
N LYS A 20 11.76 -13.49 30.05
CA LYS A 20 12.20 -14.59 30.90
C LYS A 20 11.01 -15.33 31.53
N ASN A 21 10.05 -15.70 30.70
CA ASN A 21 8.84 -16.38 31.18
C ASN A 21 8.13 -15.66 32.34
N THR A 22 8.15 -14.32 32.32
CA THR A 22 7.50 -13.52 33.35
C THR A 22 6.89 -12.29 32.69
N LEU A 23 5.67 -11.91 33.09
CA LEU A 23 5.09 -10.65 32.63
C LEU A 23 5.63 -9.49 33.45
N VAL A 24 6.25 -8.54 32.77
CA VAL A 24 6.82 -7.36 33.44
C VAL A 24 6.53 -6.07 32.68
N ASP A 25 6.63 -4.96 33.40
CA ASP A 25 6.68 -3.64 32.76
C ASP A 25 8.13 -3.26 32.47
N THR A 26 8.47 -3.12 31.19
CA THR A 26 9.82 -2.78 30.77
C THR A 26 10.01 -1.31 30.41
N SER A 27 9.03 -0.47 30.69
CA SER A 27 9.08 0.94 30.29
C SER A 27 10.05 1.76 31.15
N GLY A 28 10.36 1.26 32.35
CA GLY A 28 11.18 1.99 33.29
C GLY A 28 10.37 2.58 34.44
N TYR A 29 9.06 2.65 34.30
CA TYR A 29 8.22 3.21 35.37
C TYR A 29 7.83 2.15 36.38
N ASN A 30 8.23 0.92 36.10
CA ASN A 30 8.13 -0.16 37.08
C ASN A 30 6.71 -0.43 37.60
N ALA A 31 5.74 -0.53 36.70
CA ALA A 31 4.41 -0.95 37.14
C ALA A 31 4.54 -2.33 37.75
N GLU A 32 3.70 -2.62 38.74
CA GLU A 32 3.64 -3.95 39.33
C GLU A 32 2.69 -4.81 38.52
N VAL A 33 3.09 -6.05 38.25
CA VAL A 33 2.29 -6.96 37.46
C VAL A 33 2.12 -8.26 38.20
N SER A 34 0.88 -8.71 38.37
CA SER A 34 0.66 -10.01 38.96
C SER A 34 -0.31 -10.86 38.14
N GLU A 35 -0.23 -12.17 38.31
CA GLU A 35 -1.12 -13.11 37.64
C GLU A 35 -1.89 -13.92 38.65
N GLU A 36 -3.13 -14.23 38.30
CA GLU A 36 -3.97 -15.13 39.08
C GLU A 36 -4.69 -16.05 38.11
N GLY A 37 -4.95 -17.28 38.54
CA GLY A 37 -5.69 -18.22 37.72
C GLY A 37 -4.86 -18.78 36.58
N ASP A 38 -5.54 -19.22 35.54
CA ASP A 38 -4.92 -19.88 34.40
C ASP A 38 -4.41 -18.86 33.39
N VAL A 39 -3.15 -18.44 33.53
CA VAL A 39 -2.52 -17.57 32.55
C VAL A 39 -1.40 -18.31 31.84
N GLN A 40 -1.55 -18.55 30.54
CA GLN A 40 -0.52 -19.26 29.77
C GLN A 40 0.43 -18.31 29.05
N LEU A 41 1.74 -18.46 29.32
CA LEU A 41 2.75 -17.67 28.64
C LEU A 41 3.37 -18.46 27.51
N ASN A 42 3.53 -17.83 26.36
CA ASN A 42 4.12 -18.48 25.22
C ASN A 42 5.62 -18.26 25.25
N PRO A 43 6.41 -19.34 25.22
CA PRO A 43 7.88 -19.22 25.30
C PRO A 43 8.51 -18.79 23.98
N ILE A 44 7.75 -18.87 22.89
CA ILE A 44 8.23 -18.52 21.56
C ILE A 44 7.65 -17.19 21.10
N PHE A 45 8.31 -16.51 20.17
CA PHE A 45 7.70 -15.33 19.57
C PHE A 45 6.28 -15.68 19.12
N PRO A 46 5.31 -14.79 19.36
CA PRO A 46 5.49 -13.43 19.88
C PRO A 46 5.38 -13.31 21.41
N PHE A 47 5.54 -14.39 22.17
CA PHE A 47 5.58 -14.30 23.63
C PHE A 47 4.28 -13.76 24.25
N ASP A 48 3.16 -14.09 23.63
CA ASP A 48 1.84 -13.67 24.10
C ASP A 48 1.48 -14.34 25.41
N PHE A 49 0.52 -13.75 26.12
CA PHE A 49 -0.15 -14.47 27.19
C PHE A 49 -1.58 -14.79 26.79
N LYS A 50 -2.08 -15.93 27.27
CA LYS A 50 -3.40 -16.39 26.88
C LYS A 50 -4.35 -16.46 28.07
N LEU A 51 -5.55 -15.94 27.90
CA LEU A 51 -6.60 -16.02 28.91
C LEU A 51 -7.84 -16.73 28.37
N GLY A 52 -8.59 -17.36 29.26
CA GLY A 52 -9.82 -18.03 28.90
C GLY A 52 -10.99 -17.42 29.66
N SER A 53 -12.21 -17.68 29.18
CA SER A 53 -13.40 -17.07 29.77
C SER A 53 -14.14 -17.94 30.77
N SER A 54 -13.91 -19.25 30.75
CA SER A 54 -14.74 -20.13 31.59
C SER A 54 -14.08 -20.56 32.91
N GLY A 55 -14.89 -20.59 33.96
CA GLY A 55 -14.46 -21.10 35.24
C GLY A 55 -14.12 -19.99 36.21
N GLU A 56 -14.06 -20.31 37.50
CA GLU A 56 -13.68 -19.32 38.50
C GLU A 56 -12.17 -19.13 38.49
N ASP A 57 -11.46 -20.15 38.03
CA ASP A 57 -10.01 -20.11 37.95
C ASP A 57 -9.50 -19.54 36.61
N ARG A 58 -10.33 -18.75 35.93
CA ARG A 58 -9.86 -18.16 34.68
C ARG A 58 -8.74 -17.17 34.97
N GLY A 59 -7.87 -17.00 33.98
CA GLY A 59 -6.71 -16.13 34.12
C GLY A 59 -7.06 -14.67 34.30
N LYS A 60 -6.22 -13.99 35.06
CA LYS A 60 -6.40 -12.59 35.38
C LYS A 60 -4.99 -12.00 35.45
N VAL A 61 -4.70 -10.99 34.65
CA VAL A 61 -3.42 -10.27 34.75
C VAL A 61 -3.71 -8.86 35.22
N ILE A 62 -3.11 -8.49 36.36
CA ILE A 62 -3.36 -7.18 36.94
C ILE A 62 -2.13 -6.30 36.88
N VAL A 63 -2.24 -5.15 36.21
CA VAL A 63 -1.13 -4.19 36.14
C VAL A 63 -1.46 -3.01 37.06
N THR A 64 -0.56 -2.73 37.99
CA THR A 64 -0.73 -1.59 38.90
C THR A 64 0.34 -0.56 38.63
N GLN A 65 -0.05 0.54 38.00
CA GLN A 65 0.89 1.57 37.61
C GLN A 65 1.20 2.50 38.77
N ASN A 66 2.36 3.15 38.66
CA ASN A 66 2.67 4.29 39.50
C ASN A 66 1.59 5.36 39.34
N GLU A 67 0.98 5.78 40.45
CA GLU A 67 -0.16 6.70 40.35
C GLU A 67 0.20 8.09 39.81
N ASN A 68 1.46 8.48 40.01
CA ASN A 68 1.92 9.78 39.56
C ASN A 68 2.12 9.82 38.05
N ILE A 69 2.66 8.75 37.49
CA ILE A 69 2.85 8.71 36.04
C ILE A 69 1.48 8.70 35.36
N VAL A 70 0.50 8.01 35.97
CA VAL A 70 -0.85 8.04 35.43
C VAL A 70 -1.40 9.46 35.45
N TYR A 71 -1.32 10.10 36.62
CA TYR A 71 -1.82 11.45 36.79
C TYR A 71 -1.20 12.44 35.78
N ASN A 72 0.11 12.32 35.56
CA ASN A 72 0.80 13.24 34.65
C ASN A 72 0.69 12.88 33.18
N SER A 73 0.01 11.78 32.85
CA SER A 73 -0.04 11.31 31.47
C SER A 73 -1.43 11.29 30.84
N MET A 74 -2.43 10.82 31.59
CA MET A 74 -3.69 10.39 30.99
C MET A 74 -4.71 11.50 30.75
N TYR A 75 -4.49 12.67 31.32
CA TYR A 75 -5.52 13.70 31.33
C TYR A 75 -5.45 14.65 30.14
N GLU A 76 -4.35 14.63 29.42
CA GLU A 76 -4.25 15.43 28.21
C GLU A 76 -4.46 14.55 26.98
N SER A 77 -3.39 13.84 26.61
CA SER A 77 -3.37 12.97 25.44
C SER A 77 -2.68 11.68 25.80
N PHE A 78 -3.13 10.57 25.25
CA PHE A 78 -2.44 9.29 25.41
C PHE A 78 -2.75 8.35 24.26
N SER A 79 -2.00 7.25 24.18
CA SER A 79 -2.25 6.20 23.20
C SER A 79 -2.09 4.87 23.89
N ILE A 80 -2.89 3.91 23.47
CA ILE A 80 -2.85 2.57 23.98
C ILE A 80 -2.71 1.63 22.78
N SER A 81 -1.71 0.76 22.80
CA SER A 81 -1.52 -0.17 21.68
C SER A 81 -1.28 -1.58 22.16
N PHE A 82 -1.71 -2.56 21.37
CA PHE A 82 -1.50 -3.95 21.72
C PHE A 82 -1.92 -4.88 20.60
N TRP A 83 -1.29 -6.04 20.56
CA TRP A 83 -1.70 -7.12 19.68
C TRP A 83 -2.69 -7.97 20.44
N ILE A 84 -3.73 -8.40 19.73
CA ILE A 84 -4.77 -9.21 20.35
C ILE A 84 -5.30 -10.24 19.37
N ARG A 85 -5.66 -11.40 19.91
CA ARG A 85 -6.35 -12.41 19.12
C ARG A 85 -7.51 -12.96 19.96
N ILE A 86 -8.65 -13.19 19.32
CA ILE A 86 -9.82 -13.77 19.97
C ILE A 86 -10.26 -15.02 19.21
N ASN A 87 -10.50 -16.11 19.93
CA ASN A 87 -11.05 -17.32 19.31
C ASN A 87 -12.07 -17.98 20.24
N LYS A 88 -13.26 -18.26 19.75
CA LYS A 88 -13.70 -17.99 18.40
C LYS A 88 -14.62 -16.76 18.43
N TRP A 89 -14.21 -15.69 17.77
CA TRP A 89 -14.94 -14.43 17.80
C TRP A 89 -16.11 -14.46 16.81
N VAL A 90 -17.17 -15.17 17.19
CA VAL A 90 -18.34 -15.30 16.34
C VAL A 90 -19.16 -14.02 16.34
N SER A 91 -19.99 -13.85 15.32
CA SER A 91 -20.71 -12.61 15.11
C SER A 91 -21.80 -12.37 16.17
N ASN A 92 -22.21 -13.40 16.89
CA ASN A 92 -23.21 -13.22 17.94
C ASN A 92 -22.62 -13.36 19.34
N LEU A 93 -21.36 -12.98 19.50
CA LEU A 93 -20.69 -13.09 20.79
C LEU A 93 -21.43 -12.25 21.82
N PRO A 94 -21.70 -12.81 23.01
CA PRO A 94 -22.26 -11.94 24.05
C PRO A 94 -21.21 -10.92 24.50
N GLY A 95 -21.59 -10.02 25.39
CA GLY A 95 -20.68 -8.99 25.86
C GLY A 95 -19.65 -9.52 26.84
N TYR A 96 -18.39 -9.13 26.63
CA TYR A 96 -17.31 -9.37 27.57
C TYR A 96 -16.47 -8.10 27.71
N THR A 97 -16.23 -7.69 28.94
CA THR A 97 -15.14 -6.76 29.22
C THR A 97 -13.88 -7.60 29.17
N ILE A 98 -12.84 -7.10 28.51
CA ILE A 98 -11.59 -7.84 28.39
C ILE A 98 -10.36 -7.13 28.98
N ILE A 99 -10.31 -5.82 28.85
CA ILE A 99 -9.21 -5.04 29.43
C ILE A 99 -9.82 -3.83 30.12
N ASP A 100 -9.75 -3.81 31.45
CA ASP A 100 -10.54 -2.86 32.21
C ASP A 100 -9.70 -1.96 33.10
N SER A 101 -9.92 -0.66 32.98
CA SER A 101 -9.26 0.30 33.84
C SER A 101 -10.30 1.27 34.44
N VAL A 102 -11.33 0.71 35.03
CA VAL A 102 -12.38 1.49 35.66
C VAL A 102 -12.38 1.25 37.16
N LYS A 103 -12.45 2.34 37.91
CA LYS A 103 -12.55 2.27 39.37
C LYS A 103 -13.47 3.39 39.83
N ASN A 104 -14.38 3.07 40.75
CA ASN A 104 -15.35 4.05 41.20
C ASN A 104 -16.09 4.68 40.03
N ASN A 105 -16.51 3.85 39.06
CA ASN A 105 -17.33 4.34 37.97
C ASN A 105 -16.68 5.38 37.06
N SER A 106 -15.35 5.40 37.03
CA SER A 106 -14.65 6.27 36.09
C SER A 106 -13.37 5.61 35.60
N GLY A 107 -12.94 5.94 34.39
CA GLY A 107 -11.70 5.43 33.82
C GLY A 107 -11.86 5.08 32.35
N TRP A 108 -11.17 4.04 31.89
CA TRP A 108 -11.41 3.53 30.54
C TRP A 108 -11.55 2.03 30.57
N SER A 109 -12.16 1.49 29.52
CA SER A 109 -12.33 0.06 29.44
C SER A 109 -12.42 -0.39 27.98
N ILE A 110 -12.04 -1.63 27.74
CA ILE A 110 -12.17 -2.21 26.41
C ILE A 110 -12.94 -3.51 26.52
N GLY A 111 -13.92 -3.70 25.63
CA GLY A 111 -14.75 -4.89 25.63
C GLY A 111 -15.09 -5.34 24.22
N ILE A 112 -15.63 -6.55 24.13
CA ILE A 112 -16.10 -7.07 22.86
C ILE A 112 -17.56 -7.52 22.98
N ILE A 113 -18.31 -7.34 21.89
CA ILE A 113 -19.69 -7.80 21.83
C ILE A 113 -20.07 -7.93 20.36
N SER A 114 -20.79 -8.99 20.02
CA SER A 114 -21.06 -9.31 18.62
C SER A 114 -19.76 -9.25 17.84
N ASN A 115 -19.76 -8.45 16.77
CA ASN A 115 -18.58 -8.31 15.93
C ASN A 115 -17.81 -7.02 16.20
N PHE A 116 -18.00 -6.45 17.39
CA PHE A 116 -17.40 -5.16 17.77
C PHE A 116 -16.34 -5.30 18.85
N LEU A 117 -15.26 -4.55 18.72
CA LEU A 117 -14.36 -4.30 19.84
C LEU A 117 -14.54 -2.83 20.21
N VAL A 118 -14.82 -2.56 21.48
CA VAL A 118 -15.22 -1.22 21.91
C VAL A 118 -14.25 -0.62 22.91
N PHE A 119 -13.80 0.61 22.64
CA PHE A 119 -13.05 1.38 23.63
C PHE A 119 -13.96 2.42 24.25
N THR A 120 -13.92 2.53 25.57
CA THR A 120 -14.81 3.43 26.28
C THR A 120 -14.08 4.32 27.28
N LEU A 121 -14.33 5.61 27.20
CA LEU A 121 -14.00 6.52 28.30
C LEU A 121 -15.23 6.58 29.22
N LYS A 122 -15.06 6.22 30.48
CA LYS A 122 -16.17 6.28 31.42
C LYS A 122 -16.03 7.48 32.35
N GLN A 123 -16.84 8.50 32.11
CA GLN A 123 -16.77 9.72 32.91
C GLN A 123 -17.27 9.48 34.32
N ASN A 124 -18.45 8.88 34.42
CA ASN A 124 -19.07 8.58 35.71
C ASN A 124 -20.13 7.52 35.45
N GLU A 125 -20.92 7.15 36.46
CA GLU A 125 -21.88 6.06 36.27
C GLU A 125 -22.98 6.38 35.26
N ASP A 126 -23.11 7.64 34.88
CA ASP A 126 -24.20 8.01 33.97
C ASP A 126 -23.73 8.52 32.60
N SER A 127 -22.42 8.56 32.40
CA SER A 127 -21.87 9.21 31.21
C SER A 127 -20.60 8.51 30.69
N GLU A 128 -20.59 8.21 29.40
CA GLU A 128 -19.44 7.56 28.77
C GLU A 128 -19.29 8.10 27.37
N GLN A 129 -18.16 7.77 26.72
CA GLN A 129 -18.03 7.99 25.29
C GLN A 129 -17.26 6.82 24.69
N SER A 130 -17.84 6.16 23.70
CA SER A 130 -17.24 4.96 23.13
C SER A 130 -16.96 5.08 21.64
N ILE A 131 -15.96 4.33 21.17
CA ILE A 131 -15.70 4.14 19.75
C ILE A 131 -15.43 2.67 19.53
N ASN A 132 -15.50 2.22 18.28
CA ASN A 132 -15.38 0.79 18.05
C ASN A 132 -14.80 0.39 16.70
N PHE A 133 -14.32 -0.84 16.66
CA PHE A 133 -13.95 -1.51 15.43
C PHE A 133 -15.02 -2.58 15.26
N SER A 134 -15.56 -2.72 14.06
CA SER A 134 -16.46 -3.84 13.78
C SER A 134 -15.91 -4.61 12.59
N TYR A 135 -15.83 -5.94 12.72
CA TYR A 135 -15.27 -6.73 11.64
C TYR A 135 -16.36 -7.05 10.59
N ASP A 136 -15.94 -7.39 9.38
CA ASP A 136 -16.87 -7.68 8.27
C ASP A 136 -17.42 -9.09 8.43
N ILE A 137 -18.67 -9.19 8.86
CA ILE A 137 -19.30 -10.47 9.15
C ILE A 137 -19.38 -11.39 7.92
N SER A 138 -19.71 -10.82 6.78
CA SER A 138 -19.90 -11.63 5.58
C SER A 138 -18.60 -12.31 5.14
N ASN A 139 -17.46 -11.78 5.58
CA ASN A 139 -16.19 -12.37 5.17
C ASN A 139 -15.54 -13.18 6.29
N ASN A 140 -16.33 -13.48 7.32
CA ASN A 140 -15.82 -14.08 8.54
C ASN A 140 -16.84 -14.93 9.28
N ALA A 141 -17.52 -15.82 8.56
CA ALA A 141 -18.50 -16.73 9.19
C ALA A 141 -17.89 -17.68 10.22
N PRO A 142 -16.65 -18.15 9.97
CA PRO A 142 -15.96 -18.97 10.97
C PRO A 142 -15.49 -18.17 12.18
N GLY A 143 -15.71 -16.86 12.18
CA GLY A 143 -15.28 -15.98 13.27
C GLY A 143 -14.03 -15.19 12.89
N TYR A 144 -13.85 -14.00 13.48
CA TYR A 144 -12.67 -13.19 13.19
C TYR A 144 -11.57 -13.62 14.15
N ASN A 145 -10.99 -14.79 13.90
CA ASN A 145 -10.10 -15.43 14.86
C ASN A 145 -8.63 -15.12 14.65
N LYS A 146 -8.34 -13.96 14.06
CA LYS A 146 -6.97 -13.65 13.70
C LYS A 146 -6.33 -12.55 14.56
N TRP A 147 -5.01 -12.59 14.65
CA TRP A 147 -4.27 -11.53 15.32
C TRP A 147 -4.58 -10.21 14.63
N PHE A 148 -4.82 -9.17 15.44
CA PHE A 148 -4.84 -7.81 14.90
C PHE A 148 -4.21 -6.83 15.90
N PHE A 149 -3.76 -5.70 15.38
CA PHE A 149 -3.04 -4.71 16.17
C PHE A 149 -3.96 -3.52 16.44
N VAL A 150 -4.29 -3.31 17.69
CA VAL A 150 -5.15 -2.21 18.09
C VAL A 150 -4.32 -1.01 18.50
N THR A 151 -4.77 0.18 18.10
CA THR A 151 -4.21 1.38 18.68
C THR A 151 -5.33 2.38 18.91
N VAL A 152 -5.50 2.77 20.16
CA VAL A 152 -6.47 3.79 20.54
C VAL A 152 -5.69 5.06 20.90
N THR A 153 -6.12 6.20 20.38
CA THR A 153 -5.52 7.47 20.82
C THR A 153 -6.61 8.38 21.33
N ASN A 154 -6.26 9.18 22.33
CA ASN A 154 -7.19 10.14 22.89
C ASN A 154 -6.54 11.49 23.12
N ASN A 155 -7.30 12.55 22.89
CA ASN A 155 -6.87 13.91 23.12
C ASN A 155 -8.07 14.67 23.67
N MET A 156 -8.02 15.07 24.94
CA MET A 156 -9.15 15.78 25.55
C MET A 156 -9.55 17.02 24.75
N MET A 157 -8.58 17.68 24.14
CA MET A 157 -8.86 18.86 23.32
C MET A 157 -9.22 18.52 21.87
N GLY A 158 -9.30 17.23 21.54
CA GLY A 158 -9.52 16.83 20.17
C GLY A 158 -10.41 15.63 20.00
N ASN A 159 -9.86 14.57 19.42
CA ASN A 159 -10.63 13.39 19.09
C ASN A 159 -10.12 12.13 19.79
N MET A 160 -11.01 11.14 19.89
CA MET A 160 -10.60 9.82 20.31
C MET A 160 -10.69 8.95 19.06
N LYS A 161 -9.67 8.12 18.86
CA LYS A 161 -9.55 7.39 17.61
C LYS A 161 -9.18 5.94 17.90
N ILE A 162 -9.61 5.04 17.04
CA ILE A 162 -9.14 3.68 17.11
C ILE A 162 -8.65 3.27 15.74
N TYR A 163 -7.47 2.65 15.71
CA TYR A 163 -6.88 2.11 14.50
C TYR A 163 -6.77 0.59 14.60
N ILE A 164 -6.82 -0.06 13.45
CA ILE A 164 -6.66 -1.50 13.39
C ILE A 164 -5.61 -1.76 12.32
N ASN A 165 -4.56 -2.49 12.70
CA ASN A 165 -3.44 -2.74 11.80
C ASN A 165 -2.94 -1.47 11.13
N GLY A 166 -2.83 -0.41 11.91
CA GLY A 166 -2.26 0.83 11.44
C GLY A 166 -3.20 1.71 10.63
N LYS A 167 -4.46 1.30 10.51
CA LYS A 167 -5.44 2.06 9.73
C LYS A 167 -6.53 2.63 10.63
N LEU A 168 -6.76 3.93 10.52
CA LEU A 168 -7.84 4.60 11.25
C LEU A 168 -9.19 4.02 10.87
N ILE A 169 -9.98 3.65 11.88
CA ILE A 169 -11.25 2.94 11.69
C ILE A 169 -12.43 3.77 12.22
N ASP A 170 -12.19 4.55 13.27
CA ASP A 170 -13.27 5.31 13.92
C ASP A 170 -12.67 6.52 14.62
N THR A 171 -13.34 7.66 14.52
CA THR A 171 -12.88 8.90 15.15
C THR A 171 -14.11 9.67 15.60
N ILE A 172 -14.02 10.27 16.79
CA ILE A 172 -15.10 11.04 17.38
C ILE A 172 -14.53 12.18 18.22
N LYS A 173 -15.13 13.36 18.11
CA LYS A 173 -14.72 14.50 18.93
C LYS A 173 -14.96 14.16 20.39
N VAL A 174 -13.98 14.42 21.26
CA VAL A 174 -14.15 14.12 22.67
C VAL A 174 -15.05 15.18 23.30
N LYS A 175 -16.08 14.74 24.01
CA LYS A 175 -16.98 15.66 24.68
C LYS A 175 -16.38 16.08 26.02
N GLU A 176 -17.00 17.05 26.69
CA GLU A 176 -16.53 17.47 28.00
C GLU A 176 -16.67 16.31 28.97
N LEU A 177 -15.56 15.89 29.58
CA LEU A 177 -15.58 14.75 30.48
C LEU A 177 -15.14 15.17 31.88
N THR A 178 -15.65 16.30 32.32
CA THR A 178 -15.24 16.90 33.59
C THR A 178 -15.46 15.93 34.76
N GLY A 179 -14.40 15.73 35.54
CA GLY A 179 -14.48 14.82 36.66
C GLY A 179 -14.06 13.40 36.38
N ILE A 180 -13.76 13.09 35.10
CA ILE A 180 -13.27 11.75 34.81
C ILE A 180 -12.00 11.51 35.63
N ASN A 181 -11.85 10.29 36.13
CA ASN A 181 -10.74 9.97 37.01
C ASN A 181 -10.10 8.69 36.51
N PHE A 182 -8.83 8.75 36.11
CA PHE A 182 -8.16 7.57 35.57
C PHE A 182 -7.55 6.70 36.65
N SER A 183 -7.82 5.41 36.55
CA SER A 183 -7.34 4.42 37.51
C SER A 183 -5.90 4.01 37.22
N LYS A 184 -5.14 3.71 38.25
CA LYS A 184 -3.76 3.25 38.03
C LYS A 184 -3.75 1.75 37.73
N THR A 185 -4.91 1.11 37.87
CA THR A 185 -4.96 -0.34 37.69
C THR A 185 -5.59 -0.77 36.36
N ILE A 186 -4.93 -1.70 35.69
CA ILE A 186 -5.47 -2.31 34.48
C ILE A 186 -5.62 -3.80 34.67
N THR A 187 -6.80 -4.32 34.35
CA THR A 187 -7.09 -5.73 34.58
C THR A 187 -7.47 -6.46 33.29
N PHE A 188 -6.58 -7.35 32.85
CA PHE A 188 -6.87 -8.25 31.75
C PHE A 188 -7.58 -9.48 32.27
N GLU A 189 -8.83 -9.65 31.88
CA GLU A 189 -9.62 -10.81 32.28
C GLU A 189 -10.88 -10.81 31.45
N ILE A 190 -11.28 -11.99 30.97
CA ILE A 190 -12.50 -12.07 30.16
C ILE A 190 -13.71 -12.23 31.05
N ASN A 191 -14.43 -11.13 31.27
CA ASN A 191 -15.57 -11.10 32.18
C ASN A 191 -16.88 -10.82 31.46
N LYS A 192 -17.73 -11.85 31.39
CA LYS A 192 -19.00 -11.75 30.71
C LYS A 192 -19.87 -10.70 31.37
N ILE A 193 -20.56 -9.92 30.55
CA ILE A 193 -21.56 -8.99 31.02
C ILE A 193 -22.87 -9.75 31.20
N PRO A 194 -23.41 -9.73 32.42
CA PRO A 194 -24.59 -10.54 32.76
C PRO A 194 -25.96 -10.10 32.26
N ASP A 195 -26.20 -8.79 32.22
CA ASP A 195 -27.47 -8.24 31.79
C ASP A 195 -27.23 -7.79 30.36
N THR A 196 -27.74 -8.55 29.40
CA THR A 196 -27.62 -8.17 27.99
C THR A 196 -28.97 -7.96 27.26
N GLY A 197 -30.02 -8.67 27.67
CA GLY A 197 -29.98 -9.67 28.72
C GLY A 197 -30.72 -10.93 28.34
N ASP A 202 -25.70 -21.07 28.54
CA ASP A 202 -24.27 -20.97 28.77
C ASP A 202 -23.50 -21.13 27.45
N SER A 203 -22.75 -20.09 27.08
CA SER A 203 -22.05 -20.07 25.79
C SER A 203 -20.68 -20.74 25.81
N ASP A 204 -20.06 -20.83 24.64
CA ASP A 204 -18.75 -21.46 24.50
C ASP A 204 -17.65 -20.63 25.16
N ASN A 205 -16.68 -21.30 25.75
CA ASN A 205 -15.46 -20.63 26.20
C ASN A 205 -14.82 -19.92 25.01
N ILE A 206 -14.28 -18.73 25.25
CA ILE A 206 -13.41 -18.10 24.28
C ILE A 206 -12.03 -17.93 24.89
N ASN A 207 -11.02 -17.84 24.05
CA ASN A 207 -9.69 -17.48 24.50
C ASN A 207 -9.33 -16.09 23.97
N MET A 208 -8.48 -15.40 24.71
CA MET A 208 -7.91 -14.16 24.22
C MET A 208 -6.40 -14.23 24.41
N TRP A 209 -5.66 -13.84 23.37
CA TRP A 209 -4.22 -13.74 23.46
C TRP A 209 -3.87 -12.27 23.37
N ILE A 210 -2.85 -11.88 24.12
CA ILE A 210 -2.35 -10.51 24.15
C ILE A 210 -0.82 -10.52 24.12
N ARG A 211 -0.23 -9.59 23.37
CA ARG A 211 1.20 -9.30 23.53
C ARG A 211 1.53 -7.85 23.19
N ASP A 212 2.57 -7.35 23.85
CA ASP A 212 3.06 -5.98 23.67
C ASP A 212 1.98 -4.91 23.89
N PHE A 213 1.47 -4.86 25.12
CA PHE A 213 0.49 -3.86 25.52
C PHE A 213 1.24 -2.64 26.04
N TYR A 214 1.20 -1.56 25.25
CA TYR A 214 1.92 -0.34 25.58
C TYR A 214 0.94 0.79 25.85
N ILE A 215 1.35 1.74 26.67
CA ILE A 215 0.65 3.02 26.80
C ILE A 215 1.65 4.16 26.63
N PHE A 216 1.27 5.18 25.87
CA PHE A 216 2.13 6.33 25.59
C PHE A 216 1.44 7.57 26.12
N ALA A 217 2.23 8.52 26.64
CA ALA A 217 1.67 9.76 27.19
C ALA A 217 1.52 10.85 26.13
N LYS A 218 1.50 10.44 24.86
CA LYS A 218 1.17 11.36 23.77
C LYS A 218 0.13 10.74 22.86
N GLU A 219 -0.53 11.57 22.08
CA GLU A 219 -1.39 11.11 20.98
C GLU A 219 -0.50 10.79 19.78
N LEU A 220 -0.31 9.50 19.48
CA LEU A 220 0.53 9.12 18.34
C LEU A 220 -0.23 9.39 17.06
N ASP A 221 0.46 9.85 16.03
CA ASP A 221 -0.22 10.08 14.76
C ASP A 221 -0.19 8.85 13.87
N GLY A 222 -0.97 8.88 12.78
CA GLY A 222 -1.10 7.73 11.92
C GLY A 222 0.24 7.22 11.46
N LYS A 223 1.12 8.13 11.06
CA LYS A 223 2.43 7.75 10.58
C LYS A 223 3.25 7.00 11.65
N ASP A 224 3.27 7.52 12.87
CA ASP A 224 3.98 6.85 13.96
C ASP A 224 3.32 5.52 14.36
N ILE A 225 2.00 5.45 14.30
CA ILE A 225 1.29 4.21 14.59
C ILE A 225 1.71 3.09 13.65
N ASN A 226 1.87 3.41 12.37
CA ASN A 226 2.34 2.41 11.42
C ASN A 226 3.79 2.00 11.59
N ILE A 227 4.64 2.96 11.92
CA ILE A 227 6.01 2.63 12.25
C ILE A 227 6.00 1.66 13.43
N LEU A 228 5.15 1.94 14.40
CA LEU A 228 5.05 1.07 15.59
C LEU A 228 4.53 -0.31 15.19
N PHE A 229 3.45 -0.32 14.43
CA PHE A 229 2.86 -1.55 13.89
C PHE A 229 3.94 -2.44 13.26
N ASN A 230 4.67 -1.86 12.31
CA ASN A 230 5.68 -2.64 11.59
C ASN A 230 6.88 -3.05 12.45
N SER A 231 7.21 -2.25 13.45
CA SER A 231 8.33 -2.60 14.32
C SER A 231 8.02 -3.80 15.22
N LEU A 232 6.76 -4.23 15.26
CA LEU A 232 6.39 -5.33 16.14
C LEU A 232 6.12 -6.63 15.37
N GLN A 233 6.50 -6.66 14.09
CA GLN A 233 6.33 -7.87 13.29
C GLN A 233 7.57 -8.18 12.48
N TYR A 234 7.72 -9.46 12.15
CA TYR A 234 8.63 -9.89 11.11
C TYR A 234 7.85 -10.01 9.80
N THR A 235 7.86 -8.93 9.02
CA THR A 235 7.01 -8.87 7.84
C THR A 235 7.39 -9.84 6.73
N ASN A 236 8.57 -10.43 6.80
CA ASN A 236 8.93 -11.40 5.77
C ASN A 236 8.64 -12.84 6.19
N VAL A 237 8.15 -13.02 7.40
CA VAL A 237 7.69 -14.34 7.81
C VAL A 237 6.23 -14.41 7.39
N VAL A 238 5.94 -15.36 6.49
CA VAL A 238 4.60 -15.53 5.97
C VAL A 238 3.71 -16.02 7.09
N LYS A 239 2.46 -15.55 7.10
CA LYS A 239 1.53 -15.87 8.19
C LYS A 239 0.42 -16.81 7.72
N ASP A 240 -0.02 -17.72 8.60
CA ASP A 240 -1.22 -18.49 8.32
C ASP A 240 -2.43 -17.57 8.45
N TYR A 241 -3.60 -18.14 8.24
CA TYR A 241 -4.82 -17.35 8.11
C TYR A 241 -5.16 -16.60 9.39
N TRP A 242 -4.69 -17.11 10.53
CA TRP A 242 -4.99 -16.45 11.81
C TRP A 242 -3.87 -15.52 12.26
N GLY A 243 -2.84 -15.39 11.42
CA GLY A 243 -1.75 -14.46 11.71
C GLY A 243 -0.58 -15.06 12.47
N ASN A 244 -0.62 -16.37 12.72
CA ASN A 244 0.52 -17.05 13.30
C ASN A 244 1.53 -17.43 12.20
N ASP A 245 2.79 -17.62 12.57
CA ASP A 245 3.83 -17.94 11.60
C ASP A 245 3.45 -19.16 10.76
N LEU A 246 3.53 -19.01 9.44
CA LEU A 246 3.34 -20.14 8.53
C LEU A 246 4.50 -21.16 8.66
N ARG A 247 4.16 -22.44 8.67
CA ARG A 247 5.12 -23.51 8.92
C ARG A 247 5.21 -24.53 7.79
N TYR A 248 6.42 -25.03 7.54
CA TYR A 248 6.62 -26.21 6.69
C TYR A 248 6.22 -27.46 7.46
N ASN A 249 5.90 -28.52 6.72
CA ASN A 249 5.60 -29.82 7.32
C ASN A 249 4.38 -29.81 8.23
N LYS A 250 3.41 -28.97 7.89
CA LYS A 250 2.23 -28.87 8.73
C LYS A 250 1.01 -28.76 7.82
N GLU A 251 -0.04 -29.48 8.17
CA GLU A 251 -1.26 -29.52 7.39
C GLU A 251 -2.01 -28.21 7.38
N TYR A 252 -2.37 -27.73 6.19
CA TYR A 252 -3.24 -26.55 6.09
C TYR A 252 -4.41 -26.79 5.14
N TYR A 253 -5.50 -26.09 5.39
CA TYR A 253 -6.50 -25.87 4.36
C TYR A 253 -6.09 -24.63 3.55
N MET A 254 -5.85 -24.85 2.26
CA MET A 254 -5.42 -23.79 1.37
C MET A 254 -6.65 -23.15 0.76
N VAL A 255 -6.76 -21.84 0.86
CA VAL A 255 -7.94 -21.14 0.34
C VAL A 255 -7.55 -19.97 -0.53
N ASN A 256 -8.40 -19.66 -1.49
CA ASN A 256 -8.22 -18.46 -2.29
C ASN A 256 -9.07 -17.37 -1.68
N ILE A 257 -8.46 -16.20 -1.47
CA ILE A 257 -9.14 -15.09 -0.81
C ILE A 257 -10.44 -14.69 -1.54
N ASP A 258 -10.46 -14.83 -2.85
CA ASP A 258 -11.67 -14.55 -3.64
C ASP A 258 -12.74 -15.63 -3.51
N TYR A 259 -12.40 -16.76 -2.89
CA TYR A 259 -13.32 -17.89 -2.80
C TYR A 259 -13.25 -18.61 -1.46
N LEU A 260 -13.48 -17.86 -0.39
CA LEU A 260 -13.34 -18.39 0.96
C LEU A 260 -14.40 -19.44 1.24
N ASN A 261 -15.52 -19.37 0.53
CA ASN A 261 -16.59 -20.35 0.70
C ASN A 261 -16.37 -21.63 -0.10
N ARG A 262 -15.17 -21.79 -0.65
CA ARG A 262 -14.82 -23.01 -1.40
C ARG A 262 -13.71 -23.80 -0.71
N TYR A 263 -13.87 -25.10 -0.66
CA TYR A 263 -12.80 -25.97 -0.18
C TYR A 263 -12.15 -26.70 -1.33
N MET A 264 -10.98 -27.28 -1.05
CA MET A 264 -10.16 -27.91 -2.06
C MET A 264 -10.52 -29.38 -2.22
N TYR A 265 -10.78 -29.78 -3.45
CA TYR A 265 -11.10 -31.18 -3.72
C TYR A 265 -10.28 -31.66 -4.92
N ALA A 266 -10.51 -32.89 -5.35
CA ALA A 266 -9.77 -33.38 -6.52
C ALA A 266 -10.55 -34.41 -7.32
N ASN A 267 -10.26 -34.44 -8.60
CA ASN A 267 -11.02 -35.24 -9.54
C ASN A 267 -10.16 -35.58 -10.75
N SER A 268 -9.78 -36.84 -10.85
CA SER A 268 -8.91 -37.30 -11.91
C SER A 268 -7.62 -36.52 -11.86
N ARG A 269 -7.13 -36.30 -10.65
CA ARG A 269 -5.85 -35.64 -10.43
C ARG A 269 -5.86 -34.15 -10.80
N GLN A 270 -7.04 -33.62 -11.11
CA GLN A 270 -7.21 -32.19 -11.27
C GLN A 270 -7.82 -31.64 -9.98
N ILE A 271 -7.14 -30.69 -9.35
CA ILE A 271 -7.70 -30.01 -8.19
C ILE A 271 -8.88 -29.15 -8.62
N VAL A 272 -9.95 -29.21 -7.83
CA VAL A 272 -11.13 -28.41 -8.10
C VAL A 272 -11.64 -27.80 -6.80
N PHE A 273 -12.40 -26.72 -6.90
CA PHE A 273 -12.93 -26.08 -5.72
C PHE A 273 -14.43 -26.31 -5.62
N ASN A 274 -14.85 -26.85 -4.47
CA ASN A 274 -16.26 -27.12 -4.21
C ASN A 274 -16.82 -26.21 -3.13
N THR A 275 -18.10 -25.88 -3.24
CA THR A 275 -18.77 -25.04 -2.25
C THR A 275 -18.85 -25.73 -0.88
N ARG A 276 -18.43 -25.01 0.16
CA ARG A 276 -18.47 -25.50 1.54
C ARG A 276 -19.90 -25.78 1.99
N ARG A 277 -20.07 -26.85 2.75
CA ARG A 277 -21.37 -27.12 3.35
C ARG A 277 -21.44 -26.55 4.77
N ASN A 278 -20.28 -26.45 5.42
CA ASN A 278 -20.18 -25.88 6.76
C ASN A 278 -19.53 -24.51 6.71
N ASN A 279 -20.34 -23.47 6.52
CA ASN A 279 -19.84 -22.11 6.37
C ASN A 279 -19.20 -21.52 7.62
N ASN A 280 -19.52 -22.10 8.78
CA ASN A 280 -19.03 -21.59 10.04
C ASN A 280 -17.71 -22.23 10.45
N ASP A 281 -17.19 -23.11 9.61
CA ASP A 281 -15.93 -23.76 9.91
C ASP A 281 -15.04 -23.89 8.67
N PHE A 282 -13.77 -24.20 8.89
CA PHE A 282 -12.89 -24.67 7.84
C PHE A 282 -12.59 -26.12 8.17
N ASN A 283 -13.36 -27.03 7.59
CA ASN A 283 -13.22 -28.43 7.95
C ASN A 283 -13.65 -29.39 6.85
N GLU A 284 -13.49 -28.96 5.60
CA GLU A 284 -13.92 -29.78 4.46
C GLU A 284 -12.79 -29.91 3.44
N GLY A 285 -12.76 -31.05 2.77
CA GLY A 285 -11.84 -31.22 1.65
C GLY A 285 -10.43 -31.60 2.04
N TYR A 286 -9.53 -31.52 1.07
CA TYR A 286 -8.17 -32.00 1.27
C TYR A 286 -7.28 -30.91 1.84
N LYS A 287 -6.19 -31.36 2.46
CA LYS A 287 -5.22 -30.49 3.09
C LYS A 287 -3.94 -30.51 2.27
N ILE A 288 -3.16 -29.44 2.34
CA ILE A 288 -1.81 -29.46 1.78
C ILE A 288 -0.79 -29.39 2.88
N ILE A 289 0.43 -29.82 2.57
CA ILE A 289 1.56 -29.64 3.44
C ILE A 289 2.63 -28.95 2.60
N ILE A 290 3.25 -27.92 3.16
CA ILE A 290 4.27 -27.15 2.45
C ILE A 290 5.64 -27.74 2.72
N LYS A 291 6.43 -27.97 1.67
CA LYS A 291 7.77 -28.54 1.84
C LYS A 291 8.84 -27.58 1.35
N ARG A 292 9.88 -27.41 2.15
CA ARG A 292 10.93 -26.46 1.82
C ARG A 292 11.97 -27.02 0.85
N ILE A 293 12.35 -26.20 -0.13
CA ILE A 293 13.46 -26.52 -1.01
C ILE A 293 14.63 -25.62 -0.64
N ARG A 294 14.36 -24.32 -0.51
CA ARG A 294 15.37 -23.36 -0.08
C ARG A 294 14.78 -22.35 0.91
N GLY A 295 15.45 -22.19 2.05
CA GLY A 295 15.04 -21.22 3.05
C GLY A 295 15.95 -21.28 4.26
N ASN A 296 15.52 -20.63 5.34
CA ASN A 296 16.27 -20.58 6.58
C ASN A 296 16.15 -21.90 7.32
N THR A 297 17.22 -22.68 7.35
CA THR A 297 17.17 -24.01 7.93
C THR A 297 17.21 -24.01 9.46
N ASN A 298 17.28 -22.83 10.08
CA ASN A 298 17.28 -22.75 11.55
C ASN A 298 15.93 -23.04 12.19
N ASP A 299 14.87 -23.03 11.37
CA ASP A 299 13.54 -23.33 11.89
C ASP A 299 12.65 -23.79 10.74
N THR A 300 11.37 -23.99 11.01
CA THR A 300 10.45 -24.49 9.99
C THR A 300 9.44 -23.43 9.59
N ARG A 301 9.80 -22.17 9.80
CA ARG A 301 8.96 -21.03 9.41
C ARG A 301 9.11 -20.75 7.91
N VAL A 302 8.01 -20.44 7.24
CA VAL A 302 8.03 -20.06 5.83
C VAL A 302 8.29 -18.55 5.65
N ARG A 303 9.29 -18.20 4.84
CA ARG A 303 9.63 -16.80 4.60
C ARG A 303 9.51 -16.42 3.13
N GLY A 304 9.26 -15.14 2.88
CA GLY A 304 9.18 -14.63 1.52
C GLY A 304 10.47 -14.88 0.77
N GLY A 305 10.37 -15.36 -0.46
CA GLY A 305 11.55 -15.69 -1.23
C GLY A 305 11.93 -17.16 -1.12
N ASP A 306 11.36 -17.88 -0.16
CA ASP A 306 11.61 -19.31 -0.02
C ASP A 306 11.14 -20.05 -1.27
N ILE A 307 11.90 -21.09 -1.66
CA ILE A 307 11.54 -21.97 -2.78
C ILE A 307 10.96 -23.22 -2.14
N LEU A 308 9.85 -23.71 -2.67
CA LEU A 308 9.12 -24.76 -1.99
C LEU A 308 8.22 -25.52 -2.95
N TYR A 309 7.55 -26.56 -2.44
CA TYR A 309 6.54 -27.27 -3.22
C TYR A 309 5.46 -27.72 -2.26
N PHE A 310 4.36 -28.27 -2.80
CA PHE A 310 3.23 -28.64 -1.97
C PHE A 310 2.87 -30.13 -2.11
N ASP A 311 2.63 -30.80 -0.99
CA ASP A 311 2.11 -32.18 -0.97
C ASP A 311 0.64 -32.19 -0.63
N MET A 312 -0.09 -33.12 -1.25
CA MET A 312 -1.46 -33.42 -0.87
C MET A 312 -1.67 -34.94 -0.81
N THR A 313 -2.25 -35.42 0.28
CA THR A 313 -2.50 -36.85 0.42
C THR A 313 -3.98 -37.16 0.23
N ILE A 314 -4.27 -38.07 -0.69
CA ILE A 314 -5.63 -38.53 -0.92
C ILE A 314 -5.66 -40.06 -0.91
N ASN A 315 -6.59 -40.63 -0.14
CA ASN A 315 -6.71 -42.09 -0.03
C ASN A 315 -5.36 -42.74 0.22
N ASN A 316 -4.60 -42.17 1.15
CA ASN A 316 -3.29 -42.68 1.55
C ASN A 316 -2.20 -42.69 0.48
N LYS A 317 -2.45 -42.01 -0.64
CA LYS A 317 -1.41 -41.80 -1.63
C LYS A 317 -0.99 -40.33 -1.58
N ALA A 318 0.32 -40.07 -1.60
CA ALA A 318 0.83 -38.70 -1.49
C ALA A 318 1.21 -38.14 -2.86
N TYR A 319 0.65 -36.98 -3.20
CA TYR A 319 0.94 -36.31 -4.46
C TYR A 319 1.70 -35.00 -4.27
N ASN A 320 2.20 -34.44 -5.37
CA ASN A 320 2.67 -33.06 -5.43
C ASN A 320 1.68 -32.27 -6.25
N LEU A 321 1.41 -31.04 -5.86
CA LEU A 321 0.76 -30.11 -6.78
C LEU A 321 1.79 -29.84 -7.87
N PHE A 322 1.32 -29.67 -9.11
CA PHE A 322 2.24 -29.39 -10.20
C PHE A 322 1.56 -28.59 -11.28
N MET A 323 2.34 -27.83 -12.02
CA MET A 323 1.81 -27.07 -13.13
C MET A 323 1.73 -27.98 -14.35
N LYS A 324 0.52 -28.26 -14.79
CA LYS A 324 0.33 -29.10 -15.97
C LYS A 324 0.75 -28.33 -17.20
N ASN A 325 0.92 -29.04 -18.31
CA ASN A 325 1.37 -28.44 -19.56
C ASN A 325 0.33 -28.53 -20.67
N GLU A 326 -0.94 -28.73 -20.32
CA GLU A 326 -1.99 -28.88 -21.32
C GLU A 326 -2.72 -27.58 -21.64
N THR A 327 -3.20 -27.50 -22.88
CA THR A 327 -4.04 -26.40 -23.33
C THR A 327 -5.25 -26.30 -22.42
N MET A 328 -5.65 -25.08 -22.11
CA MET A 328 -6.83 -24.84 -21.29
C MET A 328 -7.97 -24.30 -22.16
N TYR A 329 -9.21 -24.56 -21.76
CA TYR A 329 -10.39 -24.14 -22.51
C TYR A 329 -11.32 -23.41 -21.57
N ALA A 330 -11.82 -22.26 -22.01
CA ALA A 330 -12.75 -21.47 -21.22
C ALA A 330 -13.91 -21.00 -22.10
N ASP A 331 -15.09 -20.88 -21.49
CA ASP A 331 -16.29 -20.47 -22.22
C ASP A 331 -16.10 -19.24 -23.08
N ASN A 332 -15.60 -18.15 -22.49
CA ASN A 332 -15.41 -16.93 -23.27
C ASN A 332 -14.00 -16.36 -23.21
N HIS A 333 -13.44 -16.27 -22.01
CA HIS A 333 -12.10 -15.77 -21.82
C HIS A 333 -11.10 -16.49 -22.73
N SER A 334 -10.02 -15.81 -23.10
CA SER A 334 -8.92 -16.48 -23.75
C SER A 334 -8.18 -17.23 -22.65
N THR A 335 -7.37 -18.21 -23.02
CA THR A 335 -6.67 -19.02 -22.03
C THR A 335 -5.17 -19.02 -22.29
N GLU A 336 -4.68 -17.99 -22.98
CA GLU A 336 -3.27 -17.91 -23.34
C GLU A 336 -2.37 -17.85 -22.11
N ASP A 337 -1.40 -18.75 -22.06
CA ASP A 337 -0.42 -18.83 -20.96
C ASP A 337 -1.04 -19.25 -19.62
N ILE A 338 -2.27 -19.78 -19.67
CA ILE A 338 -2.92 -20.32 -18.48
C ILE A 338 -2.73 -21.83 -18.38
N TYR A 339 -2.24 -22.30 -17.24
CA TYR A 339 -2.05 -23.74 -17.02
C TYR A 339 -2.72 -24.18 -15.73
N ALA A 340 -3.34 -25.35 -15.76
CA ALA A 340 -3.97 -25.89 -14.57
C ALA A 340 -2.90 -26.37 -13.59
N ILE A 341 -3.19 -26.22 -12.29
CA ILE A 341 -2.42 -26.90 -11.26
C ILE A 341 -3.16 -28.20 -10.91
N GLY A 342 -2.45 -29.32 -11.01
CA GLY A 342 -3.06 -30.58 -10.70
C GLY A 342 -2.19 -31.38 -9.76
N LEU A 343 -2.40 -32.69 -9.71
CA LEU A 343 -1.67 -33.55 -8.79
C LEU A 343 -0.94 -34.67 -9.52
N ARG A 344 0.31 -34.89 -9.15
CA ARG A 344 1.11 -35.95 -9.73
C ARG A 344 1.79 -36.76 -8.63
N GLU A 345 2.04 -38.02 -8.90
CA GLU A 345 2.70 -38.90 -7.96
C GLU A 345 4.09 -38.38 -7.64
N GLN A 346 4.46 -38.48 -6.37
CA GLN A 346 5.79 -38.05 -5.93
C GLN A 346 6.86 -38.90 -6.60
N THR A 347 8.03 -38.32 -6.79
CA THR A 347 9.16 -39.05 -7.33
C THR A 347 10.34 -38.85 -6.39
N LYS A 348 11.43 -39.54 -6.66
CA LYS A 348 12.61 -39.48 -5.81
C LYS A 348 13.25 -38.10 -5.88
N ASP A 349 13.20 -37.50 -7.06
CA ASP A 349 13.80 -36.18 -7.27
C ASP A 349 12.74 -35.10 -7.45
N ILE A 350 13.05 -33.88 -7.01
CA ILE A 350 12.18 -32.73 -7.21
C ILE A 350 12.12 -32.36 -8.69
N ASN A 351 10.95 -32.52 -9.32
CA ASN A 351 10.80 -32.07 -10.70
C ASN A 351 10.44 -30.58 -10.79
N ASP A 352 10.93 -29.93 -11.84
CA ASP A 352 10.74 -28.50 -12.02
C ASP A 352 9.28 -28.06 -11.92
N ASN A 353 8.37 -28.88 -12.45
CA ASN A 353 6.98 -28.46 -12.53
C ASN A 353 6.22 -28.47 -11.19
N ILE A 354 6.89 -28.85 -10.11
CA ILE A 354 6.25 -28.72 -8.80
C ILE A 354 6.80 -27.55 -7.98
N ILE A 355 7.78 -26.85 -8.53
CA ILE A 355 8.51 -25.83 -7.77
C ILE A 355 7.86 -24.44 -7.77
N PHE A 356 7.66 -23.88 -6.59
CA PHE A 356 7.09 -22.55 -6.44
C PHE A 356 7.93 -21.66 -5.50
N GLN A 357 7.70 -20.34 -5.60
CA GLN A 357 8.31 -19.38 -4.68
C GLN A 357 7.21 -18.56 -4.02
N ILE A 358 7.30 -18.39 -2.70
CA ILE A 358 6.25 -17.70 -1.94
C ILE A 358 6.64 -16.29 -1.51
N GLN A 359 5.65 -15.41 -1.42
CA GLN A 359 5.82 -14.06 -0.87
C GLN A 359 4.62 -13.75 0.00
N PRO A 360 4.83 -13.04 1.12
CA PRO A 360 3.72 -12.68 1.99
C PRO A 360 2.84 -11.66 1.30
N MET A 361 1.54 -11.66 1.60
CA MET A 361 0.61 -10.70 1.03
C MET A 361 -0.45 -10.43 2.08
N ASN A 362 -0.17 -9.49 2.94
CA ASN A 362 -1.04 -9.19 4.06
C ASN A 362 -1.74 -7.87 3.82
N ASN A 363 -2.93 -7.74 4.37
CA ASN A 363 -3.55 -6.43 4.45
C ASN A 363 -4.40 -6.35 5.70
N THR A 364 -5.11 -5.25 5.87
CA THR A 364 -5.77 -5.00 7.14
C THR A 364 -6.69 -6.17 7.57
N TYR A 365 -7.32 -6.85 6.62
CA TYR A 365 -8.31 -7.86 7.02
C TYR A 365 -7.96 -9.33 6.74
N TYR A 366 -6.86 -9.58 6.03
CA TYR A 366 -6.43 -10.95 5.72
C TYR A 366 -4.92 -11.12 5.87
N TYR A 367 -4.50 -12.30 6.31
CA TYR A 367 -3.11 -12.76 6.16
C TYR A 367 -3.07 -13.79 5.02
N ALA A 368 -2.27 -13.52 3.99
CA ALA A 368 -2.28 -14.36 2.80
C ALA A 368 -0.93 -14.34 2.12
N SER A 369 -0.88 -14.82 0.88
CA SER A 369 0.37 -14.90 0.18
C SER A 369 0.16 -14.87 -1.32
N GLN A 370 1.24 -14.65 -2.04
CA GLN A 370 1.24 -14.83 -3.47
C GLN A 370 2.24 -15.92 -3.75
N ILE A 371 1.94 -16.76 -4.74
CA ILE A 371 2.75 -17.94 -5.00
C ILE A 371 3.10 -17.97 -6.48
N PHE A 372 4.39 -17.97 -6.74
CA PHE A 372 4.91 -17.79 -8.07
C PHE A 372 5.55 -19.09 -8.55
N LYS A 373 5.32 -19.44 -9.80
CA LYS A 373 5.99 -20.58 -10.42
C LYS A 373 7.46 -20.27 -10.60
N SER A 374 8.31 -21.18 -10.14
CA SER A 374 9.74 -20.91 -10.03
C SER A 374 10.56 -22.10 -10.51
N ASN A 375 11.81 -21.85 -10.89
CA ASN A 375 12.77 -22.93 -11.07
C ASN A 375 13.50 -23.24 -9.74
N PHE A 376 14.42 -24.19 -9.75
CA PHE A 376 15.03 -24.67 -8.50
C PHE A 376 15.75 -23.61 -7.69
N ASN A 377 16.41 -22.66 -8.35
CA ASN A 377 17.19 -21.64 -7.64
C ASN A 377 16.49 -20.28 -7.59
N GLY A 378 15.26 -20.21 -8.09
CA GLY A 378 14.49 -18.97 -8.03
C GLY A 378 14.94 -17.88 -9.01
N GLU A 379 15.88 -18.22 -9.89
CA GLU A 379 16.40 -17.27 -10.87
C GLU A 379 15.42 -17.04 -12.02
N ASN A 380 14.50 -17.99 -12.20
CA ASN A 380 13.51 -17.87 -13.25
C ASN A 380 12.10 -17.98 -12.70
N ILE A 381 11.49 -16.84 -12.37
CA ILE A 381 10.09 -16.81 -11.95
C ILE A 381 9.25 -16.62 -13.19
N SER A 382 8.40 -17.60 -13.50
CA SER A 382 7.74 -17.63 -14.81
C SER A 382 6.24 -17.36 -14.76
N GLY A 383 5.67 -17.28 -13.57
CA GLY A 383 4.23 -17.11 -13.47
C GLY A 383 3.71 -16.93 -12.06
N ILE A 384 2.41 -16.67 -11.97
CA ILE A 384 1.77 -16.46 -10.66
C ILE A 384 0.56 -17.38 -10.55
N CYS A 385 0.32 -17.89 -9.33
CA CYS A 385 -0.83 -18.76 -9.09
C CYS A 385 -2.12 -17.98 -8.96
N SER A 386 -3.13 -18.40 -9.70
CA SER A 386 -4.43 -17.75 -9.68
C SER A 386 -5.51 -18.85 -9.64
N ILE A 387 -6.73 -18.47 -10.00
CA ILE A 387 -7.87 -19.37 -9.93
C ILE A 387 -8.86 -18.95 -11.01
N GLY A 388 -9.58 -19.91 -11.58
CA GLY A 388 -10.60 -19.58 -12.56
C GLY A 388 -11.45 -20.76 -12.99
N THR A 389 -12.43 -20.49 -13.85
CA THR A 389 -13.37 -21.51 -14.29
C THR A 389 -13.02 -21.98 -15.70
N TYR A 390 -12.67 -23.26 -15.84
CA TYR A 390 -12.28 -23.80 -17.14
C TYR A 390 -12.98 -25.14 -17.46
N ARG A 391 -12.95 -25.52 -18.73
CA ARG A 391 -13.66 -26.71 -19.19
C ARG A 391 -12.77 -27.95 -19.18
N PHE A 392 -13.20 -28.99 -18.49
CA PHE A 392 -12.46 -30.24 -18.42
C PHE A 392 -13.40 -31.43 -18.61
N ARG A 393 -12.80 -32.59 -18.88
CA ARG A 393 -13.50 -33.86 -18.76
C ARG A 393 -12.83 -34.60 -17.60
N LEU A 394 -13.52 -34.67 -16.48
CA LEU A 394 -12.99 -35.36 -15.31
C LEU A 394 -13.93 -36.46 -14.86
N GLY A 395 -13.40 -37.46 -14.19
CA GLY A 395 -14.22 -38.48 -13.56
C GLY A 395 -15.28 -39.15 -14.42
N GLY A 396 -14.90 -39.57 -15.62
CA GLY A 396 -15.85 -40.29 -16.45
C GLY A 396 -16.73 -39.44 -17.36
N ASP A 397 -16.79 -38.13 -17.11
CA ASP A 397 -17.44 -37.19 -18.02
C ASP A 397 -17.14 -37.56 -19.47
N TRP A 398 -18.18 -37.63 -20.29
CA TRP A 398 -17.99 -37.69 -21.73
C TRP A 398 -17.81 -36.27 -22.26
N TYR A 399 -18.64 -35.36 -21.76
CA TYR A 399 -18.63 -33.97 -22.22
C TYR A 399 -17.75 -33.13 -21.30
N ARG A 400 -17.25 -32.00 -21.80
CA ARG A 400 -16.51 -31.06 -20.97
C ARG A 400 -17.46 -30.28 -20.06
N HIS A 401 -17.06 -30.11 -18.81
CA HIS A 401 -17.82 -29.30 -17.88
C HIS A 401 -16.95 -28.22 -17.25
N ASN A 402 -17.59 -27.17 -16.74
CA ASN A 402 -16.91 -26.11 -16.04
C ASN A 402 -16.53 -26.50 -14.61
N TYR A 403 -15.26 -26.31 -14.26
CA TYR A 403 -14.80 -26.48 -12.89
C TYR A 403 -13.99 -25.26 -12.46
N LEU A 404 -14.07 -24.93 -11.17
CA LEU A 404 -13.24 -23.87 -10.59
C LEU A 404 -11.94 -24.53 -10.15
N VAL A 405 -10.82 -24.12 -10.74
CA VAL A 405 -9.55 -24.81 -10.56
C VAL A 405 -8.41 -23.84 -10.28
N PRO A 406 -7.38 -24.29 -9.55
CA PRO A 406 -6.20 -23.42 -9.39
C PRO A 406 -5.41 -23.41 -10.68
N THR A 407 -4.79 -22.27 -10.98
CA THR A 407 -4.03 -22.13 -12.22
C THR A 407 -2.71 -21.40 -11.99
N VAL A 408 -1.84 -21.51 -12.99
CA VAL A 408 -0.67 -20.64 -13.12
C VAL A 408 -0.86 -19.81 -14.38
N LYS A 409 -0.72 -18.50 -14.25
CA LYS A 409 -0.68 -17.59 -15.38
C LYS A 409 0.78 -17.26 -15.65
N GLN A 410 1.28 -17.66 -16.82
CA GLN A 410 2.63 -17.29 -17.22
C GLN A 410 2.57 -16.13 -18.22
N GLY A 411 3.49 -16.07 -19.16
CA GLY A 411 3.60 -14.89 -20.02
C GLY A 411 3.85 -13.68 -19.11
N ASN A 412 3.29 -12.53 -19.45
CA ASN A 412 3.44 -11.36 -18.59
C ASN A 412 2.51 -11.40 -17.39
N TYR A 413 2.90 -12.13 -16.36
CA TYR A 413 2.02 -12.30 -15.21
C TYR A 413 1.89 -11.02 -14.39
N ALA A 414 2.80 -10.07 -14.61
CA ALA A 414 2.78 -8.82 -13.86
C ALA A 414 1.40 -8.15 -13.85
N SER A 415 0.66 -8.31 -14.94
CA SER A 415 -0.64 -7.66 -15.03
C SER A 415 -1.64 -8.20 -14.00
N LEU A 416 -1.33 -9.35 -13.40
CA LEU A 416 -2.22 -9.98 -12.42
C LEU A 416 -1.81 -9.70 -10.98
N LEU A 417 -0.69 -8.99 -10.81
CA LEU A 417 -0.08 -8.84 -9.48
C LEU A 417 -0.99 -8.18 -8.45
N GLU A 418 -1.87 -7.30 -8.92
CA GLU A 418 -2.76 -6.59 -8.01
C GLU A 418 -4.09 -7.31 -7.84
N SER A 419 -4.25 -8.46 -8.48
CA SER A 419 -5.52 -9.19 -8.37
C SER A 419 -5.63 -9.97 -7.06
N THR A 420 -6.75 -9.80 -6.37
CA THR A 420 -7.04 -10.59 -5.18
C THR A 420 -7.16 -12.08 -5.51
N SER A 421 -7.42 -12.39 -6.77
CA SER A 421 -7.52 -13.78 -7.21
C SER A 421 -6.19 -14.53 -7.02
N THR A 422 -5.11 -13.79 -6.75
CA THR A 422 -3.79 -14.40 -6.61
C THR A 422 -3.38 -14.50 -5.15
N HIS A 423 -4.32 -14.20 -4.26
CA HIS A 423 -4.05 -14.21 -2.83
C HIS A 423 -4.50 -15.53 -2.22
N TRP A 424 -3.56 -16.21 -1.57
CA TRP A 424 -3.81 -17.53 -1.00
C TRP A 424 -3.59 -17.53 0.50
N GLY A 425 -4.58 -18.05 1.23
CA GLY A 425 -4.46 -18.19 2.67
C GLY A 425 -4.28 -19.63 3.08
N PHE A 426 -3.79 -19.85 4.29
CA PHE A 426 -3.54 -21.18 4.80
C PHE A 426 -4.12 -21.31 6.18
N VAL A 427 -5.22 -22.07 6.30
CA VAL A 427 -5.88 -22.26 7.58
C VAL A 427 -5.38 -23.52 8.28
N PRO A 428 -4.78 -23.37 9.47
CA PRO A 428 -4.27 -24.54 10.18
C PRO A 428 -5.38 -25.54 10.49
N VAL A 429 -5.05 -26.83 10.38
CA VAL A 429 -6.03 -27.88 10.69
C VAL A 429 -6.00 -28.13 12.19
N SER A 430 -7.16 -28.04 12.81
CA SER A 430 -7.25 -28.24 14.26
C SER A 430 -6.97 -29.70 14.66
N GLU A 431 -7.66 -30.63 14.01
CA GLU A 431 -7.43 -32.05 14.28
C GLU A 431 -6.05 -32.49 13.76
N SER B 4 18.18 0.34 4.41
CA SER B 4 19.55 0.63 4.08
C SER B 4 19.99 0.18 2.70
N MET B 5 20.79 1.04 2.16
CA MET B 5 21.21 1.09 0.76
C MET B 5 22.61 0.54 0.52
N ALA B 6 23.32 0.22 1.61
CA ALA B 6 24.73 -0.13 1.54
C ALA B 6 24.96 -1.36 0.68
N ASN B 7 24.20 -2.42 0.96
CA ASN B 7 24.32 -3.65 0.19
C ASN B 7 23.97 -3.51 -1.30
N ILE B 8 22.88 -2.79 -1.57
CA ILE B 8 22.47 -2.50 -2.95
C ILE B 8 23.60 -1.74 -3.65
N ASN B 9 24.10 -0.70 -2.99
CA ASN B 9 25.13 0.16 -3.56
C ASN B 9 26.46 -0.53 -3.85
N ASP B 10 26.74 -1.63 -3.15
CA ASP B 10 27.94 -2.41 -3.43
C ASP B 10 28.00 -2.87 -4.89
N SER B 11 26.85 -3.01 -5.53
CA SER B 11 26.85 -3.47 -6.92
C SER B 11 26.75 -2.33 -7.93
N LYS B 12 26.72 -1.08 -7.45
CA LYS B 12 26.59 0.04 -8.37
C LYS B 12 27.84 0.28 -9.22
N ILE B 13 27.68 0.35 -10.55
CA ILE B 13 28.84 0.51 -11.42
C ILE B 13 28.77 1.79 -12.25
N LEU B 14 27.66 2.52 -12.14
CA LEU B 14 27.52 3.82 -12.77
C LEU B 14 26.49 4.61 -11.99
N SER B 15 26.80 5.86 -11.67
CA SER B 15 25.91 6.68 -10.88
C SER B 15 25.96 8.09 -11.45
N LEU B 16 25.23 8.32 -12.52
CA LEU B 16 25.21 9.60 -13.22
C LEU B 16 24.38 10.60 -12.44
N GLN B 17 25.04 11.67 -12.00
CA GLN B 17 24.36 12.67 -11.19
C GLN B 17 24.84 14.07 -11.54
N ASN B 18 23.97 15.03 -11.22
CA ASN B 18 24.26 16.45 -11.36
C ASN B 18 24.79 16.95 -10.03
N ARG B 19 26.11 17.16 -9.97
CA ARG B 19 26.76 17.62 -8.74
C ARG B 19 27.37 19.00 -8.97
N LYS B 20 26.91 20.00 -8.23
CA LYS B 20 27.43 21.36 -8.38
C LYS B 20 27.47 21.77 -9.84
N ASN B 21 26.31 21.72 -10.50
CA ASN B 21 26.20 22.12 -11.90
C ASN B 21 27.13 21.36 -12.87
N THR B 22 27.43 20.11 -12.52
CA THR B 22 28.26 19.28 -13.39
C THR B 22 27.73 17.86 -13.38
N LEU B 23 27.62 17.26 -14.57
CA LEU B 23 27.23 15.85 -14.67
C LEU B 23 28.46 15.00 -14.46
N VAL B 24 28.40 14.10 -13.47
CA VAL B 24 29.53 13.27 -13.10
C VAL B 24 29.09 11.86 -12.76
N ASP B 25 30.00 10.90 -12.85
CA ASP B 25 29.79 9.55 -12.33
C ASP B 25 30.33 9.42 -10.90
N THR B 26 29.46 9.20 -9.92
CA THR B 26 29.88 9.09 -8.52
C THR B 26 30.03 7.65 -8.02
N SER B 27 30.03 6.68 -8.94
CA SER B 27 30.11 5.27 -8.58
C SER B 27 31.48 4.86 -8.05
N GLY B 28 32.50 5.65 -8.39
CA GLY B 28 33.87 5.31 -8.05
C GLY B 28 34.63 4.74 -9.24
N TYR B 29 33.92 4.44 -10.33
CA TYR B 29 34.54 3.88 -11.53
C TYR B 29 34.92 4.96 -12.52
N ASN B 30 34.48 6.18 -12.25
CA ASN B 30 34.95 7.33 -13.01
C ASN B 30 34.65 7.25 -14.50
N ALA B 31 33.44 6.88 -14.87
CA ALA B 31 33.07 6.97 -16.28
C ALA B 31 33.27 8.42 -16.72
N GLU B 32 33.69 8.64 -17.95
CA GLU B 32 33.79 10.00 -18.47
C GLU B 32 32.40 10.47 -18.87
N VAL B 33 32.06 11.70 -18.54
CA VAL B 33 30.76 12.25 -18.92
C VAL B 33 31.00 13.53 -19.69
N SER B 34 30.37 13.65 -20.86
CA SER B 34 30.48 14.88 -21.63
C SER B 34 29.11 15.38 -22.12
N GLU B 35 29.02 16.68 -22.38
CA GLU B 35 27.78 17.28 -22.88
C GLU B 35 28.02 17.99 -24.18
N GLU B 36 27.03 17.93 -25.05
CA GLU B 36 27.01 18.73 -26.27
C GLU B 36 25.64 19.40 -26.42
N GLY B 37 25.63 20.57 -27.03
CA GLY B 37 24.38 21.23 -27.38
C GLY B 37 23.65 21.74 -26.16
N ASP B 38 22.33 21.88 -26.29
CA ASP B 38 21.52 22.48 -25.25
C ASP B 38 21.14 21.48 -24.15
N VAL B 39 21.94 21.44 -23.10
CA VAL B 39 21.66 20.60 -21.94
C VAL B 39 21.46 21.48 -20.72
N GLN B 40 20.24 21.53 -20.17
CA GLN B 40 19.98 22.37 -18.99
C GLN B 40 20.06 21.60 -17.68
N LEU B 41 20.88 22.08 -16.76
CA LEU B 41 20.98 21.48 -15.43
C LEU B 41 20.18 22.26 -14.40
N ASN B 42 19.40 21.55 -13.59
CA ASN B 42 18.61 22.14 -12.54
C ASN B 42 19.48 22.29 -11.29
N PRO B 43 19.60 23.51 -10.75
CA PRO B 43 20.45 23.72 -9.55
C PRO B 43 19.74 23.32 -8.26
N ILE B 44 18.43 23.06 -8.35
CA ILE B 44 17.63 22.68 -7.19
C ILE B 44 17.28 21.19 -7.26
N PHE B 45 17.03 20.55 -6.12
CA PHE B 45 16.48 19.20 -6.13
C PHE B 45 15.31 19.16 -7.12
N PRO B 46 15.20 18.09 -7.92
CA PRO B 46 16.02 16.87 -7.88
C PRO B 46 17.24 16.90 -8.78
N PHE B 47 17.72 18.10 -9.15
CA PHE B 47 18.98 18.20 -9.91
C PHE B 47 18.95 17.48 -11.27
N ASP B 48 17.78 17.45 -11.89
CA ASP B 48 17.60 16.84 -13.21
C ASP B 48 18.43 17.56 -14.25
N PHE B 49 18.73 16.86 -15.34
CA PHE B 49 19.11 17.54 -16.56
C PHE B 49 18.00 17.44 -17.60
N LYS B 50 17.91 18.45 -18.45
CA LYS B 50 16.81 18.52 -19.41
C LYS B 50 17.30 18.58 -20.85
N LEU B 51 16.76 17.74 -21.68
CA LEU B 51 17.03 17.71 -23.09
C LEU B 51 15.80 18.03 -23.96
N GLY B 52 16.04 18.52 -25.14
CA GLY B 52 14.97 18.82 -26.07
C GLY B 52 15.17 18.05 -27.35
N SER B 53 14.14 17.97 -28.20
CA SER B 53 14.22 17.15 -29.40
C SER B 53 14.45 17.94 -30.69
N SER B 54 14.19 19.25 -30.65
CA SER B 54 14.22 20.06 -31.86
C SER B 54 15.56 20.74 -32.10
N GLY B 55 16.03 20.69 -33.36
CA GLY B 55 17.21 21.42 -33.78
C GLY B 55 18.48 20.58 -33.80
N GLU B 56 19.48 21.04 -34.55
CA GLU B 56 20.80 20.42 -34.53
C GLU B 56 21.47 20.76 -33.22
N ASP B 57 20.95 21.81 -32.58
CA ASP B 57 21.46 22.33 -31.33
C ASP B 57 21.05 21.47 -30.13
N ARG B 58 20.28 20.42 -30.38
CA ARG B 58 19.68 19.70 -29.25
C ARG B 58 20.72 19.03 -28.37
N GLY B 59 20.38 18.88 -27.10
CA GLY B 59 21.33 18.44 -26.10
C GLY B 59 21.67 16.98 -26.22
N LYS B 60 22.90 16.65 -25.86
CA LYS B 60 23.36 15.28 -25.88
C LYS B 60 24.25 15.05 -24.67
N VAL B 61 23.95 14.02 -23.87
CA VAL B 61 24.86 13.63 -22.80
C VAL B 61 25.45 12.28 -23.13
N ILE B 62 26.78 12.20 -23.11
CA ILE B 62 27.49 10.97 -23.43
C ILE B 62 28.27 10.46 -22.23
N VAL B 63 27.99 9.22 -21.83
CA VAL B 63 28.71 8.57 -20.74
C VAL B 63 29.56 7.46 -21.35
N THR B 64 30.85 7.47 -21.06
CA THR B 64 31.76 6.43 -21.56
C THR B 64 32.41 5.72 -20.39
N GLN B 65 32.07 4.45 -20.24
CA GLN B 65 32.47 3.66 -19.08
C GLN B 65 33.80 2.98 -19.32
N ASN B 66 34.42 2.55 -18.22
CA ASN B 66 35.58 1.68 -18.27
C ASN B 66 35.20 0.32 -18.87
N GLU B 67 35.92 -0.11 -19.91
CA GLU B 67 35.53 -1.31 -20.67
C GLU B 67 35.45 -2.58 -19.81
N ASN B 68 36.32 -2.68 -18.83
CA ASN B 68 36.38 -3.83 -17.95
C ASN B 68 35.13 -4.00 -17.08
N ILE B 69 34.66 -2.89 -16.53
CA ILE B 69 33.60 -2.91 -15.52
C ILE B 69 32.21 -3.20 -16.11
N VAL B 70 32.06 -3.08 -17.42
CA VAL B 70 30.82 -3.45 -18.07
C VAL B 70 30.89 -4.90 -18.55
N TYR B 71 31.99 -5.25 -19.21
CA TYR B 71 32.25 -6.61 -19.69
C TYR B 71 32.11 -7.63 -18.57
N ASN B 72 32.57 -7.25 -17.37
CA ASN B 72 32.47 -8.12 -16.21
C ASN B 72 31.04 -8.14 -15.67
N SER B 73 30.23 -7.18 -16.11
CA SER B 73 28.88 -7.04 -15.56
C SER B 73 27.60 -7.34 -16.35
N MET B 74 27.53 -6.88 -17.59
CA MET B 74 26.27 -6.86 -18.34
C MET B 74 25.94 -8.23 -18.92
N TYR B 75 26.92 -9.13 -18.97
CA TYR B 75 26.72 -10.39 -19.69
C TYR B 75 26.03 -11.44 -18.86
N GLU B 76 25.87 -11.19 -17.57
CA GLU B 76 25.14 -12.11 -16.72
C GLU B 76 23.84 -11.46 -16.26
N SER B 77 23.93 -10.62 -15.24
CA SER B 77 22.75 -9.95 -14.70
C SER B 77 23.07 -8.51 -14.38
N PHE B 78 22.15 -7.61 -14.69
CA PHE B 78 22.33 -6.20 -14.35
C PHE B 78 20.99 -5.50 -14.21
N SER B 79 21.05 -4.28 -13.68
CA SER B 79 19.85 -3.44 -13.56
C SER B 79 20.19 -2.01 -13.94
N ILE B 80 19.19 -1.32 -14.46
CA ILE B 80 19.30 0.07 -14.82
C ILE B 80 18.15 0.82 -14.18
N SER B 81 18.43 1.91 -13.50
CA SER B 81 17.36 2.68 -12.86
C SER B 81 17.53 4.17 -13.09
N PHE B 82 16.41 4.88 -13.17
CA PHE B 82 16.47 6.32 -13.36
C PHE B 82 15.10 6.95 -13.25
N TRP B 83 15.10 8.23 -12.90
CA TRP B 83 13.91 9.05 -12.91
C TRP B 83 13.83 9.73 -14.25
N ILE B 84 12.63 9.76 -14.81
CA ILE B 84 12.41 10.38 -16.10
C ILE B 84 11.08 11.11 -16.14
N ARG B 85 11.04 12.21 -16.87
CA ARG B 85 9.79 12.85 -17.22
C ARG B 85 9.80 13.27 -18.68
N ILE B 86 8.65 13.18 -19.34
CA ILE B 86 8.52 13.57 -20.75
C ILE B 86 7.37 14.54 -20.90
N ASN B 87 7.60 15.63 -21.62
CA ASN B 87 6.52 16.58 -21.91
C ASN B 87 6.66 17.08 -23.33
N LYS B 88 5.57 17.04 -24.12
CA LYS B 88 4.28 16.51 -23.70
C LYS B 88 4.16 15.09 -24.27
N TRP B 89 3.98 14.09 -23.40
CA TRP B 89 3.97 12.70 -23.85
C TRP B 89 2.57 12.28 -24.32
N VAL B 90 2.22 12.66 -25.53
CA VAL B 90 0.90 12.38 -26.07
C VAL B 90 0.81 10.95 -26.59
N SER B 91 -0.40 10.45 -26.71
CA SER B 91 -0.65 9.06 -27.05
C SER B 91 -0.22 8.71 -28.46
N ASN B 92 -0.09 9.69 -29.33
CA ASN B 92 0.34 9.41 -30.70
C ASN B 92 1.74 9.94 -30.99
N LEU B 93 2.59 9.94 -29.96
CA LEU B 93 3.96 10.38 -30.13
C LEU B 93 4.65 9.52 -31.18
N PRO B 94 5.42 10.15 -32.07
CA PRO B 94 6.28 9.40 -33.01
C PRO B 94 7.35 8.66 -32.23
N GLY B 95 8.07 7.76 -32.90
CA GLY B 95 9.17 7.05 -32.26
C GLY B 95 10.37 7.94 -32.00
N TYR B 96 10.89 7.87 -30.78
CA TYR B 96 12.20 8.47 -30.45
C TYR B 96 13.06 7.49 -29.65
N THR B 97 14.32 7.36 -30.03
CA THR B 97 15.30 6.75 -29.16
C THR B 97 15.70 7.86 -28.18
N ILE B 98 15.79 7.53 -26.89
CA ILE B 98 16.13 8.53 -25.88
C ILE B 98 17.41 8.20 -25.12
N ILE B 99 17.63 6.93 -24.81
CA ILE B 99 18.84 6.52 -24.11
C ILE B 99 19.43 5.31 -24.82
N ASP B 100 20.54 5.52 -25.52
CA ASP B 100 21.05 4.53 -26.44
C ASP B 100 22.43 3.98 -26.06
N SER B 101 22.53 2.66 -25.99
CA SER B 101 23.81 2.02 -25.76
C SER B 101 23.99 0.86 -26.77
N VAL B 102 23.83 1.20 -28.05
CA VAL B 102 24.04 0.25 -29.14
C VAL B 102 25.25 0.68 -29.94
N LYS B 103 26.12 -0.25 -30.26
CA LYS B 103 27.24 0.02 -31.14
C LYS B 103 27.47 -1.20 -32.05
N ASN B 104 27.67 -0.96 -33.34
CA ASN B 104 27.80 -2.06 -34.30
C ASN B 104 26.66 -3.04 -34.17
N ASN B 105 25.44 -2.51 -34.15
CA ASN B 105 24.22 -3.30 -34.17
C ASN B 105 24.02 -4.25 -33.00
N SER B 106 24.61 -3.92 -31.85
CA SER B 106 24.41 -4.73 -30.66
C SER B 106 24.53 -3.88 -29.39
N GLY B 107 23.83 -4.29 -28.34
CA GLY B 107 23.82 -3.56 -27.07
C GLY B 107 22.40 -3.44 -26.51
N TRP B 108 22.11 -2.33 -25.83
CA TRP B 108 20.73 -2.07 -25.38
C TRP B 108 20.34 -0.64 -25.70
N SER B 109 19.05 -0.39 -25.66
CA SER B 109 18.54 0.92 -25.99
C SER B 109 17.18 1.12 -25.35
N ILE B 110 16.85 2.37 -25.06
CA ILE B 110 15.55 2.71 -24.51
C ILE B 110 14.90 3.77 -25.40
N GLY B 111 13.63 3.57 -25.75
CA GLY B 111 12.95 4.51 -26.62
C GLY B 111 11.52 4.72 -26.18
N ILE B 112 10.87 5.71 -26.79
CA ILE B 112 9.46 5.95 -26.57
C ILE B 112 8.74 6.03 -27.91
N ILE B 113 7.51 5.54 -27.95
CA ILE B 113 6.67 5.64 -29.14
C ILE B 113 5.23 5.48 -28.68
N SER B 114 4.33 6.28 -29.25
CA SER B 114 2.96 6.33 -28.75
C SER B 114 2.98 6.45 -27.23
N ASN B 115 2.19 5.64 -26.55
CA ASN B 115 2.14 5.69 -25.09
C ASN B 115 3.04 4.64 -24.47
N PHE B 116 4.09 4.25 -25.20
CA PHE B 116 5.01 3.20 -24.76
C PHE B 116 6.42 3.70 -24.47
N LEU B 117 7.00 3.22 -23.38
CA LEU B 117 8.44 3.31 -23.18
C LEU B 117 9.01 1.90 -23.26
N VAL B 118 10.04 1.74 -24.10
CA VAL B 118 10.51 0.42 -24.50
C VAL B 118 11.99 0.22 -24.16
N PHE B 119 12.31 -0.88 -23.51
CA PHE B 119 13.70 -1.29 -23.32
C PHE B 119 14.02 -2.43 -24.27
N THR B 120 15.13 -2.33 -24.98
CA THR B 120 15.51 -3.33 -25.96
C THR B 120 16.93 -3.84 -25.77
N LEU B 121 17.07 -5.16 -25.76
CA LEU B 121 18.36 -5.81 -25.97
C LEU B 121 18.52 -6.08 -27.46
N LYS B 122 19.55 -5.54 -28.07
CA LYS B 122 19.80 -5.74 -29.49
C LYS B 122 20.92 -6.75 -29.63
N GLN B 123 20.59 -7.95 -30.09
CA GLN B 123 21.59 -8.99 -30.26
C GLN B 123 22.44 -8.70 -31.49
N ASN B 124 21.77 -8.40 -32.60
CA ASN B 124 22.43 -8.04 -33.84
C ASN B 124 21.39 -7.31 -34.70
N GLU B 125 21.73 -7.00 -35.95
CA GLU B 125 20.85 -6.21 -36.80
C GLU B 125 19.55 -6.93 -37.15
N ASP B 126 19.50 -8.23 -36.89
CA ASP B 126 18.32 -9.00 -37.25
C ASP B 126 17.56 -9.53 -36.05
N SER B 127 18.11 -9.36 -34.86
CA SER B 127 17.55 -9.98 -33.68
C SER B 127 17.56 -9.06 -32.45
N GLU B 128 16.41 -8.94 -31.80
CA GLU B 128 16.28 -8.11 -30.60
C GLU B 128 15.31 -8.76 -29.64
N GLN B 129 15.29 -8.28 -28.39
CA GLN B 129 14.21 -8.59 -27.47
C GLN B 129 13.81 -7.34 -26.66
N SER B 130 12.52 -7.03 -26.65
CA SER B 130 12.01 -5.80 -26.04
C SER B 130 10.92 -6.04 -25.00
N ILE B 131 10.85 -5.15 -24.02
CA ILE B 131 9.74 -5.10 -23.08
C ILE B 131 9.34 -3.65 -22.93
N ASN B 132 8.15 -3.39 -22.41
CA ASN B 132 7.65 -2.03 -22.40
C ASN B 132 6.73 -1.69 -21.24
N PHE B 133 6.65 -0.38 -20.97
CA PHE B 133 5.64 0.20 -20.12
C PHE B 133 4.70 0.95 -21.05
N SER B 134 3.39 0.75 -20.89
CA SER B 134 2.44 1.58 -21.62
C SER B 134 1.56 2.27 -20.60
N TYR B 135 1.40 3.58 -20.74
CA TYR B 135 0.56 4.31 -19.82
C TYR B 135 -0.91 4.23 -20.22
N ASP B 136 -1.79 4.53 -19.27
CA ASP B 136 -3.23 4.43 -19.48
C ASP B 136 -3.72 5.64 -20.24
N ILE B 137 -3.98 5.48 -21.52
CA ILE B 137 -4.38 6.61 -22.37
C ILE B 137 -5.63 7.32 -21.88
N SER B 138 -6.62 6.56 -21.45
CA SER B 138 -7.90 7.15 -21.07
C SER B 138 -7.77 8.11 -19.89
N ASN B 139 -6.84 7.83 -18.99
CA ASN B 139 -6.61 8.69 -17.82
C ASN B 139 -5.58 9.79 -18.07
N ASN B 140 -5.16 9.96 -19.32
CA ASN B 140 -4.04 10.83 -19.63
C ASN B 140 -4.11 11.58 -20.96
N ALA B 141 -5.31 12.05 -21.30
CA ALA B 141 -5.52 12.81 -22.54
C ALA B 141 -4.52 13.97 -22.72
N PRO B 142 -4.20 14.68 -21.63
CA PRO B 142 -3.24 15.79 -21.73
C PRO B 142 -1.79 15.33 -21.90
N GLY B 143 -1.54 14.03 -21.84
CA GLY B 143 -0.20 13.49 -21.91
C GLY B 143 0.27 12.93 -20.57
N TYR B 144 1.05 11.85 -20.59
CA TYR B 144 1.61 11.32 -19.36
C TYR B 144 2.84 12.16 -19.01
N ASN B 145 2.61 13.37 -18.52
CA ASN B 145 3.69 14.35 -18.40
C ASN B 145 4.32 14.41 -17.01
N LYS B 146 4.31 13.28 -16.30
CA LYS B 146 4.75 13.29 -14.91
C LYS B 146 6.03 12.48 -14.70
N TRP B 147 6.81 12.88 -13.70
CA TRP B 147 7.96 12.09 -13.28
C TRP B 147 7.56 10.65 -13.00
N PHE B 148 8.35 9.70 -13.49
CA PHE B 148 8.23 8.31 -13.05
C PHE B 148 9.61 7.66 -12.91
N PHE B 149 9.68 6.63 -12.09
CA PHE B 149 10.94 5.95 -11.79
C PHE B 149 10.96 4.61 -12.52
N VAL B 150 11.91 4.47 -13.44
CA VAL B 150 12.07 3.25 -14.21
C VAL B 150 13.11 2.36 -13.57
N THR B 151 12.87 1.06 -13.60
CA THR B 151 13.92 0.11 -13.28
C THR B 151 13.80 -1.09 -14.21
N VAL B 152 14.86 -1.34 -14.95
CA VAL B 152 14.94 -2.50 -15.82
C VAL B 152 15.94 -3.46 -15.19
N THR B 153 15.59 -4.74 -15.13
CA THR B 153 16.55 -5.75 -14.68
C THR B 153 16.61 -6.83 -15.73
N ASN B 154 17.81 -7.35 -15.94
CA ASN B 154 18.02 -8.43 -16.91
C ASN B 154 18.85 -9.56 -16.33
N ASN B 155 18.45 -10.80 -16.64
CA ASN B 155 19.22 -11.97 -16.26
C ASN B 155 19.23 -12.92 -17.45
N MET B 156 20.40 -13.15 -18.03
CA MET B 156 20.49 -13.96 -19.26
C MET B 156 19.97 -15.38 -19.06
N MET B 157 20.12 -15.90 -17.85
CA MET B 157 19.62 -17.22 -17.50
C MET B 157 18.20 -17.13 -16.95
N GLY B 158 17.58 -15.95 -17.04
CA GLY B 158 16.29 -15.76 -16.42
C GLY B 158 15.37 -14.87 -17.22
N ASN B 159 14.88 -13.81 -16.57
CA ASN B 159 13.93 -12.92 -17.20
C ASN B 159 14.44 -11.50 -17.38
N MET B 160 13.73 -10.77 -18.22
CA MET B 160 13.97 -9.36 -18.48
C MET B 160 12.74 -8.70 -17.89
N LYS B 161 12.94 -7.71 -17.04
CA LYS B 161 11.82 -7.09 -16.33
C LYS B 161 11.86 -5.58 -16.37
N ILE B 162 10.70 -4.95 -16.41
CA ILE B 162 10.64 -3.52 -16.24
C ILE B 162 9.63 -3.18 -15.16
N TYR B 163 10.05 -2.27 -14.28
CA TYR B 163 9.25 -1.77 -13.18
C TYR B 163 9.04 -0.28 -13.35
N ILE B 164 7.90 0.21 -12.86
CA ILE B 164 7.58 1.62 -12.89
C ILE B 164 7.16 1.97 -11.47
N ASN B 165 7.82 2.98 -10.89
CA ASN B 165 7.55 3.37 -9.52
C ASN B 165 7.55 2.18 -8.57
N GLY B 166 8.53 1.30 -8.75
CA GLY B 166 8.71 0.17 -7.85
C GLY B 166 7.80 -1.03 -8.08
N LYS B 167 6.92 -0.96 -9.08
CA LYS B 167 6.01 -2.06 -9.37
C LYS B 167 6.35 -2.75 -10.68
N LEU B 168 6.41 -4.07 -10.66
CA LEU B 168 6.63 -4.85 -11.87
C LEU B 168 5.49 -4.63 -12.86
N ILE B 169 5.85 -4.30 -14.08
CA ILE B 169 4.91 -3.93 -15.12
C ILE B 169 4.95 -4.94 -16.28
N ASP B 170 6.12 -5.50 -16.53
CA ASP B 170 6.31 -6.43 -17.65
C ASP B 170 7.48 -7.36 -17.38
N THR B 171 7.31 -8.63 -17.75
CA THR B 171 8.35 -9.64 -17.58
C THR B 171 8.29 -10.62 -18.74
N ILE B 172 9.46 -10.99 -19.26
CA ILE B 172 9.55 -12.01 -20.32
C ILE B 172 10.85 -12.82 -20.16
N LYS B 173 10.80 -14.09 -20.55
CA LYS B 173 11.97 -14.95 -20.51
C LYS B 173 12.99 -14.45 -21.50
N VAL B 174 14.25 -14.34 -21.10
CA VAL B 174 15.27 -13.90 -22.05
C VAL B 174 15.62 -15.04 -23.01
N LYS B 175 15.60 -14.76 -24.31
CA LYS B 175 15.94 -15.78 -25.29
C LYS B 175 17.45 -15.89 -25.44
N GLU B 176 17.90 -16.91 -26.17
CA GLU B 176 19.32 -17.07 -26.44
C GLU B 176 19.81 -15.84 -27.21
N LEU B 177 20.83 -15.17 -26.68
CA LEU B 177 21.29 -13.93 -27.30
C LEU B 177 22.77 -14.00 -27.60
N THR B 178 23.22 -15.19 -27.94
CA THR B 178 24.63 -15.44 -28.18
C THR B 178 25.22 -14.42 -29.16
N GLY B 179 26.32 -13.81 -28.76
CA GLY B 179 27.02 -12.87 -29.62
C GLY B 179 26.63 -11.43 -29.38
N ILE B 180 25.65 -11.21 -28.51
CA ILE B 180 25.33 -9.85 -28.10
C ILE B 180 26.60 -9.18 -27.55
N ASN B 181 26.83 -7.94 -27.94
CA ASN B 181 28.02 -7.20 -27.50
C ASN B 181 27.61 -5.88 -26.87
N PHE B 182 27.92 -5.70 -25.58
CA PHE B 182 27.50 -4.48 -24.88
C PHE B 182 28.51 -3.35 -25.10
N SER B 183 27.98 -2.15 -25.28
CA SER B 183 28.79 -0.98 -25.59
C SER B 183 29.24 -0.31 -24.28
N LYS B 184 30.39 0.36 -24.30
CA LYS B 184 30.85 1.08 -23.12
C LYS B 184 30.29 2.51 -23.11
N THR B 185 29.53 2.85 -24.15
CA THR B 185 29.00 4.21 -24.29
C THR B 185 27.49 4.23 -24.18
N ILE B 186 26.98 5.19 -23.40
CA ILE B 186 25.56 5.46 -23.30
C ILE B 186 25.31 6.90 -23.71
N THR B 187 24.36 7.09 -24.62
CA THR B 187 24.05 8.43 -25.14
C THR B 187 22.62 8.84 -24.85
N PHE B 188 22.46 9.89 -24.03
CA PHE B 188 21.15 10.49 -23.79
C PHE B 188 20.95 11.58 -24.83
N GLU B 189 19.94 11.39 -25.67
CA GLU B 189 19.61 12.32 -26.74
C GLU B 189 18.24 11.88 -27.25
N ILE B 190 17.41 12.85 -27.63
CA ILE B 190 16.09 12.52 -28.15
C ILE B 190 16.20 12.52 -29.67
N ASN B 191 16.35 11.32 -30.25
CA ASN B 191 16.57 11.16 -31.67
C ASN B 191 15.39 10.48 -32.35
N LYS B 192 14.67 11.24 -33.17
CA LYS B 192 13.50 10.74 -33.86
C LYS B 192 13.85 9.56 -34.74
N ILE B 193 13.00 8.54 -34.70
CA ILE B 193 13.09 7.38 -35.59
C ILE B 193 12.55 7.81 -36.96
N PRO B 194 13.24 7.41 -38.04
CA PRO B 194 12.89 7.80 -39.42
C PRO B 194 11.48 7.37 -39.87
N ASP B 195 11.08 6.17 -39.48
CA ASP B 195 9.82 5.56 -39.95
C ASP B 195 8.70 5.62 -38.90
N THR B 196 7.47 5.36 -39.33
CA THR B 196 7.18 5.01 -40.71
C THR B 196 6.37 6.09 -41.43
N GLY B 197 5.74 6.97 -40.63
CA GLY B 197 4.95 8.05 -41.19
C GLY B 197 4.54 9.06 -40.13
N ASP B 202 3.55 17.99 -39.05
CA ASP B 202 4.80 18.04 -38.29
C ASP B 202 4.51 18.00 -36.79
N SER B 203 5.40 17.34 -36.05
CA SER B 203 5.20 17.14 -34.61
C SER B 203 5.94 18.15 -33.73
N ASP B 204 5.40 18.38 -32.54
CA ASP B 204 5.94 19.36 -31.62
C ASP B 204 7.23 18.89 -30.96
N ASN B 205 8.06 19.84 -30.54
CA ASN B 205 9.22 19.55 -29.68
C ASN B 205 8.74 18.86 -28.41
N ILE B 206 9.51 17.91 -27.91
CA ILE B 206 9.28 17.39 -26.57
C ILE B 206 10.49 17.68 -25.73
N ASN B 207 10.31 17.70 -24.42
CA ASN B 207 11.44 17.71 -23.51
C ASN B 207 11.51 16.41 -22.72
N MET B 208 12.72 16.05 -22.33
CA MET B 208 12.92 14.92 -21.42
C MET B 208 13.82 15.40 -20.27
N TRP B 209 13.44 15.07 -19.05
CA TRP B 209 14.25 15.33 -17.87
C TRP B 209 14.72 14.00 -17.29
N ILE B 210 15.95 13.97 -16.82
CA ILE B 210 16.57 12.79 -16.22
C ILE B 210 17.31 13.16 -14.93
N ARG B 211 17.20 12.33 -13.91
CA ARG B 211 18.02 12.49 -12.69
C ARG B 211 18.32 11.09 -12.18
N ASP B 212 19.50 10.91 -11.58
CA ASP B 212 19.90 9.67 -10.93
C ASP B 212 19.80 8.42 -11.80
N PHE B 213 20.59 8.39 -12.86
CA PHE B 213 20.64 7.25 -13.75
C PHE B 213 21.74 6.31 -13.25
N TYR B 214 21.34 5.15 -12.76
CA TYR B 214 22.26 4.22 -12.13
C TYR B 214 22.32 2.92 -12.89
N ILE B 215 23.48 2.27 -12.89
CA ILE B 215 23.55 0.88 -13.32
C ILE B 215 24.16 0.03 -12.21
N PHE B 216 23.60 -1.16 -12.02
CA PHE B 216 24.03 -2.11 -11.00
C PHE B 216 24.44 -3.42 -11.65
N ALA B 217 25.51 -4.04 -11.13
CA ALA B 217 26.04 -5.27 -11.71
C ALA B 217 25.31 -6.51 -11.20
N LYS B 218 24.05 -6.35 -10.78
CA LYS B 218 23.25 -7.51 -10.44
C LYS B 218 21.77 -7.27 -10.72
N GLU B 219 20.99 -8.34 -10.63
CA GLU B 219 19.55 -8.26 -10.82
C GLU B 219 18.88 -7.89 -9.49
N LEU B 220 18.48 -6.63 -9.36
CA LEU B 220 17.79 -6.19 -8.14
C LEU B 220 16.44 -6.86 -8.05
N ASP B 221 16.06 -7.29 -6.84
CA ASP B 221 14.72 -7.86 -6.66
C ASP B 221 13.71 -6.76 -6.31
N GLY B 222 12.43 -7.12 -6.28
CA GLY B 222 11.36 -6.17 -6.07
C GLY B 222 11.52 -5.36 -4.80
N LYS B 223 11.91 -6.03 -3.72
CA LYS B 223 12.08 -5.35 -2.44
C LYS B 223 13.19 -4.32 -2.50
N ASP B 224 14.33 -4.69 -3.08
CA ASP B 224 15.43 -3.76 -3.21
C ASP B 224 15.09 -2.60 -4.15
N ILE B 225 14.34 -2.88 -5.20
CA ILE B 225 13.94 -1.83 -6.12
C ILE B 225 13.13 -0.76 -5.39
N ASN B 226 12.24 -1.19 -4.50
CA ASN B 226 11.43 -0.23 -3.74
C ASN B 226 12.19 0.56 -2.70
N ILE B 227 13.15 -0.07 -2.04
CA ILE B 227 14.02 0.64 -1.12
C ILE B 227 14.75 1.73 -1.90
N LEU B 228 15.24 1.37 -3.08
CA LEU B 228 15.93 2.31 -3.95
C LEU B 228 14.98 3.44 -4.37
N PHE B 229 13.81 3.06 -4.85
CA PHE B 229 12.79 4.03 -5.22
C PHE B 229 12.57 5.06 -4.11
N ASN B 230 12.34 4.56 -2.89
CA ASN B 230 12.06 5.45 -1.77
C ASN B 230 13.22 6.29 -1.29
N SER B 231 14.44 5.79 -1.48
CA SER B 231 15.63 6.51 -1.05
C SER B 231 15.93 7.69 -1.96
N LEU B 232 15.22 7.77 -3.07
CA LEU B 232 15.49 8.83 -4.04
C LEU B 232 14.43 9.92 -4.02
N GLN B 233 13.55 9.89 -3.03
CA GLN B 233 12.54 10.94 -2.92
C GLN B 233 12.28 11.37 -1.48
N TYR B 234 11.72 12.56 -1.33
CA TYR B 234 11.20 13.03 -0.05
C TYR B 234 9.70 12.79 -0.05
N THR B 235 9.27 11.67 0.51
CA THR B 235 7.86 11.28 0.41
C THR B 235 6.91 12.15 1.22
N ASN B 236 7.44 12.99 2.12
CA ASN B 236 6.55 13.86 2.88
C ASN B 236 6.42 15.24 2.24
N VAL B 237 7.17 15.47 1.17
CA VAL B 237 6.96 16.66 0.36
C VAL B 237 5.85 16.35 -0.65
N VAL B 238 4.73 17.05 -0.51
CA VAL B 238 3.58 16.83 -1.38
C VAL B 238 3.95 17.20 -2.80
N LYS B 239 3.43 16.45 -3.78
CA LYS B 239 3.80 16.72 -5.17
C LYS B 239 2.64 17.30 -5.97
N ASP B 240 2.97 18.12 -6.97
CA ASP B 240 1.96 18.56 -7.92
C ASP B 240 1.68 17.42 -8.88
N TYR B 241 0.77 17.64 -9.80
CA TYR B 241 0.25 16.60 -10.64
C TYR B 241 1.33 15.93 -11.50
N TRP B 242 2.41 16.67 -11.78
CA TRP B 242 3.47 16.13 -12.61
C TRP B 242 4.64 15.59 -11.80
N GLY B 243 4.49 15.59 -10.47
CA GLY B 243 5.47 14.98 -9.59
C GLY B 243 6.55 15.93 -9.11
N ASN B 244 6.42 17.21 -9.48
CA ASN B 244 7.31 18.25 -8.95
C ASN B 244 6.82 18.69 -7.57
N ASP B 245 7.72 19.23 -6.75
CA ASP B 245 7.35 19.67 -5.40
C ASP B 245 6.18 20.64 -5.44
N LEU B 246 5.14 20.37 -4.66
CA LEU B 246 4.02 21.30 -4.49
C LEU B 246 4.48 22.56 -3.74
N ARG B 247 3.98 23.73 -4.14
CA ARG B 247 4.42 25.00 -3.60
C ARG B 247 3.28 25.86 -3.05
N TYR B 248 3.54 26.61 -1.97
CA TYR B 248 2.63 27.67 -1.53
C TYR B 248 2.75 28.86 -2.49
N ASN B 249 1.76 29.74 -2.48
CA ASN B 249 1.85 31.01 -3.20
C ASN B 249 1.98 30.83 -4.71
N LYS B 250 1.47 29.71 -5.22
CA LYS B 250 1.56 29.40 -6.64
C LYS B 250 0.20 28.94 -7.14
N GLU B 251 -0.18 29.42 -8.32
CA GLU B 251 -1.46 29.07 -8.92
C GLU B 251 -1.50 27.61 -9.37
N TYR B 252 -2.54 26.89 -8.97
CA TYR B 252 -2.78 25.55 -9.52
C TYR B 252 -4.20 25.39 -10.00
N TYR B 253 -4.39 24.44 -10.92
CA TYR B 253 -5.70 23.92 -11.19
C TYR B 253 -5.90 22.73 -10.24
N MET B 254 -6.90 22.85 -9.37
CA MET B 254 -7.18 21.82 -8.40
C MET B 254 -8.16 20.83 -9.03
N VAL B 255 -7.81 19.54 -9.01
CA VAL B 255 -8.67 18.52 -9.60
C VAL B 255 -8.90 17.35 -8.64
N ASN B 256 -10.04 16.70 -8.80
CA ASN B 256 -10.34 15.50 -8.05
C ASN B 256 -10.01 14.31 -8.94
N ILE B 257 -9.30 13.35 -8.39
CA ILE B 257 -8.83 12.20 -9.17
C ILE B 257 -9.97 11.40 -9.80
N ASP B 258 -11.13 11.37 -9.14
CA ASP B 258 -12.31 10.72 -9.71
C ASP B 258 -12.97 11.55 -10.83
N TYR B 259 -12.55 12.81 -11.00
CA TYR B 259 -13.21 13.69 -11.96
C TYR B 259 -12.23 14.57 -12.72
N LEU B 260 -11.27 13.94 -13.36
CA LEU B 260 -10.20 14.65 -14.06
C LEU B 260 -10.73 15.44 -15.27
N ASN B 261 -11.87 15.05 -15.80
CA ASN B 261 -12.47 15.80 -16.92
C ASN B 261 -13.38 16.95 -16.46
N ARG B 262 -13.26 17.33 -15.19
CA ARG B 262 -14.01 18.47 -14.65
C ARG B 262 -13.06 19.57 -14.22
N TYR B 263 -13.44 20.82 -14.50
CA TYR B 263 -12.67 21.96 -14.03
C TYR B 263 -13.47 22.69 -12.97
N MET B 264 -12.79 23.53 -12.23
CA MET B 264 -13.38 24.19 -11.09
C MET B 264 -14.03 25.51 -11.50
N TYR B 265 -15.31 25.65 -11.19
CA TYR B 265 -16.02 26.88 -11.46
C TYR B 265 -16.70 27.34 -10.19
N ALA B 266 -17.51 28.41 -10.28
CA ALA B 266 -18.24 28.86 -9.09
C ALA B 266 -19.51 29.60 -9.46
N ASN B 267 -20.48 29.47 -8.59
CA ASN B 267 -21.82 29.96 -8.83
C ASN B 267 -22.45 30.40 -7.52
N SER B 268 -22.68 31.70 -7.36
CA SER B 268 -23.23 32.22 -6.13
C SER B 268 -22.38 31.78 -4.96
N ARG B 269 -21.08 31.82 -5.17
CA ARG B 269 -20.08 31.51 -4.14
C ARG B 269 -20.06 30.03 -3.74
N GLN B 270 -20.73 29.19 -4.53
CA GLN B 270 -20.63 27.76 -4.37
C GLN B 270 -19.70 27.24 -5.46
N ILE B 271 -18.62 26.57 -5.07
CA ILE B 271 -17.74 25.95 -6.06
C ILE B 271 -18.49 24.79 -6.70
N VAL B 272 -18.43 24.71 -8.03
CA VAL B 272 -19.06 23.61 -8.75
C VAL B 272 -18.07 23.12 -9.79
N PHE B 273 -18.20 21.85 -10.17
CA PHE B 273 -17.32 21.28 -11.17
C PHE B 273 -18.04 21.17 -12.50
N ASN B 274 -17.43 21.71 -13.56
CA ASN B 274 -18.00 21.65 -14.90
C ASN B 274 -17.17 20.79 -15.84
N THR B 275 -17.83 20.17 -16.80
CA THR B 275 -17.14 19.34 -17.79
C THR B 275 -16.21 20.18 -18.66
N ARG B 276 -14.99 19.69 -18.86
CA ARG B 276 -13.98 20.39 -19.65
C ARG B 276 -14.36 20.39 -21.13
N ARG B 277 -14.11 21.50 -21.81
CA ARG B 277 -14.27 21.56 -23.26
C ARG B 277 -12.99 21.08 -23.95
N ASN B 278 -11.85 21.27 -23.30
CA ASN B 278 -10.55 20.93 -23.86
C ASN B 278 -9.91 19.77 -23.11
N ASN B 279 -10.18 18.55 -23.56
CA ASN B 279 -9.74 17.36 -22.84
C ASN B 279 -8.25 17.10 -22.93
N ASN B 280 -7.60 17.73 -23.90
CA ASN B 280 -6.18 17.51 -24.12
C ASN B 280 -5.33 18.49 -23.32
N ASP B 281 -5.97 19.33 -22.52
CA ASP B 281 -5.28 20.34 -21.73
C ASP B 281 -5.91 20.54 -20.35
N PHE B 282 -5.14 21.11 -19.43
CA PHE B 282 -5.70 21.67 -18.20
C PHE B 282 -5.64 23.18 -18.32
N ASN B 283 -6.67 23.78 -18.90
CA ASN B 283 -6.65 25.22 -19.13
C ASN B 283 -8.03 25.89 -18.98
N GLU B 284 -8.88 25.31 -18.15
CA GLU B 284 -10.24 25.82 -17.96
C GLU B 284 -10.56 26.09 -16.49
N GLY B 285 -11.39 27.10 -16.24
CA GLY B 285 -11.89 27.33 -14.90
C GLY B 285 -10.97 28.14 -14.02
N TYR B 286 -11.29 28.15 -12.73
CA TYR B 286 -10.59 28.99 -11.78
C TYR B 286 -9.42 28.26 -11.15
N LYS B 287 -8.50 29.05 -10.62
CA LYS B 287 -7.28 28.54 -10.05
C LYS B 287 -7.27 28.72 -8.53
N ILE B 288 -6.57 27.85 -7.82
CA ILE B 288 -6.37 28.09 -6.40
C ILE B 288 -4.93 28.44 -6.12
N ILE B 289 -4.71 29.10 -4.99
CA ILE B 289 -3.37 29.33 -4.49
C ILE B 289 -3.38 28.82 -3.07
N ILE B 290 -2.35 28.05 -2.72
CA ILE B 290 -2.25 27.47 -1.38
C ILE B 290 -1.49 28.40 -0.45
N LYS B 291 -2.03 28.63 0.75
CA LYS B 291 -1.37 29.52 1.72
C LYS B 291 -1.04 28.78 3.00
N ARG B 292 0.21 28.95 3.46
CA ARG B 292 0.68 28.25 4.65
C ARG B 292 0.24 28.93 5.95
N ILE B 293 -0.26 28.12 6.89
CA ILE B 293 -0.46 28.56 8.27
C ILE B 293 0.64 28.01 9.17
N ARG B 294 0.93 26.72 9.01
CA ARG B 294 2.05 26.11 9.74
C ARG B 294 2.80 25.10 8.89
N GLY B 295 4.12 25.25 8.85
CA GLY B 295 4.97 24.35 8.10
C GLY B 295 6.42 24.75 8.25
N ASN B 296 7.27 24.21 7.39
CA ASN B 296 8.70 24.53 7.37
C ASN B 296 8.94 25.86 6.67
N THR B 297 9.29 26.88 7.45
CA THR B 297 9.45 28.22 6.89
C THR B 297 10.74 28.44 6.08
N ASN B 298 11.61 27.46 6.02
CA ASN B 298 12.85 27.59 5.21
C ASN B 298 12.60 27.61 3.71
N ASP B 299 11.40 27.21 3.28
CA ASP B 299 11.07 27.23 1.85
C ASP B 299 9.56 27.29 1.66
N THR B 300 9.12 27.28 0.41
CA THR B 300 7.71 27.37 0.10
C THR B 300 7.14 26.03 -0.36
N ARG B 301 7.84 24.94 -0.03
CA ARG B 301 7.36 23.60 -0.35
C ARG B 301 6.26 23.18 0.62
N VAL B 302 5.26 22.45 0.11
CA VAL B 302 4.17 21.96 0.95
C VAL B 302 4.44 20.56 1.45
N ARG B 303 4.30 20.35 2.76
CA ARG B 303 4.62 19.05 3.37
C ARG B 303 3.43 18.43 4.09
N GLY B 304 3.44 17.11 4.19
CA GLY B 304 2.38 16.42 4.89
C GLY B 304 2.36 16.89 6.33
N GLY B 305 1.16 17.16 6.85
CA GLY B 305 1.05 17.64 8.21
C GLY B 305 0.93 19.16 8.29
N ASP B 306 1.29 19.85 7.22
CA ASP B 306 1.16 21.31 7.16
C ASP B 306 -0.30 21.75 7.32
N ILE B 307 -0.49 22.87 8.01
CA ILE B 307 -1.81 23.47 8.20
C ILE B 307 -1.86 24.62 7.22
N LEU B 308 -2.98 24.78 6.53
CA LEU B 308 -3.02 25.71 5.41
C LEU B 308 -4.44 26.11 5.04
N TYR B 309 -4.56 27.00 4.06
CA TYR B 309 -5.87 27.35 3.51
C TYR B 309 -5.72 27.65 2.03
N PHE B 310 -6.84 27.85 1.34
CA PHE B 310 -6.82 28.06 -0.10
C PHE B 310 -7.47 29.38 -0.50
N ASP B 311 -6.84 30.09 -1.42
CA ASP B 311 -7.40 31.31 -1.99
C ASP B 311 -7.85 31.03 -3.40
N MET B 312 -8.94 31.67 -3.81
CA MET B 312 -9.37 31.64 -5.21
C MET B 312 -9.80 33.05 -5.61
N THR B 313 -9.25 33.55 -6.72
CA THR B 313 -9.58 34.88 -7.18
C THR B 313 -10.53 34.81 -8.36
N ILE B 314 -11.65 35.53 -8.25
CA ILE B 314 -12.64 35.60 -9.33
C ILE B 314 -13.02 37.05 -9.57
N ASN B 315 -12.98 37.46 -10.83
CA ASN B 315 -13.28 38.85 -11.20
C ASN B 315 -12.56 39.84 -10.28
N ASN B 316 -11.29 39.57 -10.02
CA ASN B 316 -10.46 40.47 -9.21
C ASN B 316 -10.83 40.56 -7.73
N LYS B 317 -11.70 39.66 -7.29
CA LYS B 317 -12.03 39.56 -5.88
C LYS B 317 -11.41 38.27 -5.33
N ALA B 318 -10.70 38.37 -4.22
CA ALA B 318 -10.04 37.22 -3.62
C ALA B 318 -10.88 36.59 -2.52
N TYR B 319 -11.15 35.29 -2.65
CA TYR B 319 -11.93 34.57 -1.66
C TYR B 319 -11.08 33.52 -0.94
N ASN B 320 -11.61 33.01 0.16
CA ASN B 320 -11.12 31.79 0.77
C ASN B 320 -12.10 30.66 0.45
N LEU B 321 -11.57 29.47 0.17
CA LEU B 321 -12.40 28.27 0.25
C LEU B 321 -12.73 28.10 1.73
N PHE B 322 -13.96 27.66 2.03
CA PHE B 322 -14.33 27.44 3.42
C PHE B 322 -15.40 26.37 3.51
N MET B 323 -15.48 25.72 4.67
CA MET B 323 -16.51 24.72 4.91
C MET B 323 -17.80 25.41 5.37
N LYS B 324 -18.87 25.25 4.58
CA LYS B 324 -20.16 25.87 4.91
C LYS B 324 -20.89 25.08 5.97
N ASN B 325 -21.79 25.75 6.70
CA ASN B 325 -22.50 25.13 7.80
C ASN B 325 -23.92 24.68 7.45
N GLU B 326 -24.30 24.77 6.19
CA GLU B 326 -25.67 24.49 5.80
C GLU B 326 -25.97 23.00 5.61
N THR B 327 -27.21 22.65 5.88
CA THR B 327 -27.74 21.33 5.56
C THR B 327 -27.58 21.07 4.07
N MET B 328 -27.17 19.85 3.74
CA MET B 328 -27.02 19.45 2.35
C MET B 328 -28.20 18.57 1.92
N TYR B 329 -28.51 18.58 0.62
CA TYR B 329 -29.63 17.81 0.08
C TYR B 329 -29.15 16.97 -1.10
N ALA B 330 -29.52 15.70 -1.08
CA ALA B 330 -29.15 14.77 -2.15
C ALA B 330 -30.39 14.00 -2.60
N ASP B 331 -30.42 13.62 -3.87
CA ASP B 331 -31.56 12.87 -4.41
C ASP B 331 -31.79 11.57 -3.67
N ASN B 332 -30.83 10.67 -3.76
CA ASN B 332 -30.95 9.35 -3.16
C ASN B 332 -29.74 9.04 -2.32
N HIS B 333 -29.61 9.74 -1.20
CA HIS B 333 -28.44 9.62 -0.37
C HIS B 333 -28.63 10.27 0.99
N SER B 334 -27.80 9.86 1.94
CA SER B 334 -27.72 10.53 3.21
C SER B 334 -26.82 11.74 2.99
N THR B 335 -26.98 12.76 3.81
CA THR B 335 -26.15 13.94 3.72
C THR B 335 -25.66 14.28 5.11
N GLU B 336 -25.85 13.35 6.04
CA GLU B 336 -25.43 13.57 7.43
C GLU B 336 -23.93 13.81 7.51
N ASP B 337 -23.55 14.89 8.19
CA ASP B 337 -22.14 15.24 8.38
C ASP B 337 -21.45 15.65 7.08
N ILE B 338 -22.23 15.91 6.04
CA ILE B 338 -21.68 16.40 4.78
C ILE B 338 -21.88 17.91 4.68
N TYR B 339 -20.80 18.64 4.40
CA TYR B 339 -20.88 20.09 4.26
C TYR B 339 -20.24 20.52 2.97
N ALA B 340 -20.83 21.52 2.32
CA ALA B 340 -20.29 22.07 1.09
C ALA B 340 -19.03 22.88 1.34
N ILE B 341 -18.11 22.85 0.39
CA ILE B 341 -17.01 23.81 0.40
C ILE B 341 -17.36 24.94 -0.55
N GLY B 342 -17.38 26.17 -0.04
CA GLY B 342 -17.73 27.31 -0.86
C GLY B 342 -16.67 28.40 -0.76
N LEU B 343 -17.04 29.61 -1.17
CA LEU B 343 -16.12 30.75 -1.14
C LEU B 343 -16.66 31.83 -0.21
N ARG B 344 -15.79 32.38 0.61
CA ARG B 344 -16.16 33.50 1.46
C ARG B 344 -15.12 34.60 1.28
N GLU B 345 -15.53 35.85 1.48
CA GLU B 345 -14.63 36.97 1.34
C GLU B 345 -13.53 36.88 2.37
N GLN B 346 -12.33 37.28 1.99
CA GLN B 346 -11.19 37.23 2.90
C GLN B 346 -11.38 38.18 4.08
N THR B 347 -10.73 37.87 5.20
CA THR B 347 -10.78 38.73 6.37
C THR B 347 -9.37 38.95 6.91
N LYS B 348 -9.23 39.86 7.85
CA LYS B 348 -7.93 40.19 8.41
C LYS B 348 -7.34 38.99 9.15
N ASP B 349 -8.18 38.28 9.89
CA ASP B 349 -7.74 37.13 10.67
C ASP B 349 -8.15 35.82 9.98
N ILE B 350 -7.42 34.74 10.26
CA ILE B 350 -7.76 33.43 9.67
C ILE B 350 -8.92 32.82 10.44
N ASN B 351 -10.08 32.65 9.81
CA ASN B 351 -11.19 31.98 10.50
C ASN B 351 -11.08 30.46 10.48
N ASP B 352 -11.57 29.80 11.52
CA ASP B 352 -11.43 28.35 11.62
C ASP B 352 -11.97 27.62 10.38
N ASN B 353 -13.07 28.09 9.82
CA ASN B 353 -13.74 27.35 8.75
C ASN B 353 -13.03 27.36 7.38
N ILE B 354 -11.89 28.03 7.29
CA ILE B 354 -11.08 27.95 6.07
C ILE B 354 -9.85 27.04 6.24
N ILE B 355 -9.66 26.50 7.43
CA ILE B 355 -8.40 25.83 7.75
C ILE B 355 -8.38 24.32 7.42
N PHE B 356 -7.34 23.89 6.71
CA PHE B 356 -7.18 22.47 6.38
C PHE B 356 -5.77 21.95 6.68
N GLN B 357 -5.64 20.63 6.74
CA GLN B 357 -4.34 19.99 6.87
C GLN B 357 -4.18 18.99 5.72
N ILE B 358 -3.02 19.04 5.06
CA ILE B 358 -2.77 18.22 3.89
C ILE B 358 -1.88 17.00 4.19
N GLN B 359 -2.02 15.95 3.39
CA GLN B 359 -1.16 14.77 3.43
C GLN B 359 -0.91 14.29 2.00
N PRO B 360 0.31 13.83 1.71
CA PRO B 360 0.57 13.30 0.37
C PRO B 360 -0.24 12.03 0.16
N MET B 361 -0.63 11.76 -1.08
CA MET B 361 -1.36 10.54 -1.40
C MET B 361 -0.95 10.16 -2.80
N ASN B 362 0.18 9.47 -2.91
CA ASN B 362 0.72 9.10 -4.20
C ASN B 362 0.49 7.62 -4.52
N ASN B 363 0.29 7.32 -5.79
CA ASN B 363 0.42 5.93 -6.22
C ASN B 363 1.13 5.84 -7.57
N THR B 364 1.17 4.66 -8.17
CA THR B 364 1.91 4.48 -9.41
C THR B 364 1.43 5.45 -10.47
N TYR B 365 0.12 5.66 -10.48
CA TYR B 365 -0.54 6.36 -11.58
C TYR B 365 -0.63 7.89 -11.41
N TYR B 366 -0.71 8.35 -10.16
CA TYR B 366 -1.02 9.74 -9.86
C TYR B 366 -0.20 10.28 -8.69
N TYR B 367 0.09 11.58 -8.74
CA TYR B 367 0.55 12.34 -7.58
C TYR B 367 -0.62 13.16 -7.07
N ALA B 368 -0.99 12.95 -5.83
CA ALA B 368 -2.20 13.57 -5.29
C ALA B 368 -2.07 13.83 -3.80
N SER B 369 -3.17 14.18 -3.16
CA SER B 369 -3.15 14.44 -1.73
C SER B 369 -4.51 14.16 -1.12
N GLN B 370 -4.53 14.06 0.21
CA GLN B 370 -5.78 14.09 0.94
C GLN B 370 -5.75 15.38 1.77
N ILE B 371 -6.93 15.98 1.91
CA ILE B 371 -7.05 17.27 2.58
C ILE B 371 -8.09 17.16 3.68
N PHE B 372 -7.67 17.43 4.90
CA PHE B 372 -8.51 17.22 6.08
C PHE B 372 -8.90 18.55 6.68
N LYS B 373 -10.17 18.64 7.13
CA LYS B 373 -10.62 19.81 7.87
C LYS B 373 -9.94 19.83 9.23
N SER B 374 -9.34 20.98 9.57
CA SER B 374 -8.47 21.10 10.73
C SER B 374 -8.75 22.38 11.49
N ASN B 375 -8.39 22.40 12.77
CA ASN B 375 -8.33 23.67 13.50
C ASN B 375 -6.92 24.27 13.38
N PHE B 376 -6.69 25.40 14.04
CA PHE B 376 -5.47 26.18 13.79
C PHE B 376 -4.18 25.43 14.10
N ASN B 377 -4.20 24.57 15.11
CA ASN B 377 -2.99 23.83 15.49
C ASN B 377 -2.96 22.37 15.05
N GLY B 378 -4.00 21.94 14.35
CA GLY B 378 -4.03 20.60 13.80
C GLY B 378 -4.27 19.52 14.85
N GLU B 379 -4.70 19.93 16.04
CA GLU B 379 -5.01 18.96 17.07
C GLU B 379 -6.45 18.46 16.99
N ASN B 380 -7.27 19.13 16.18
CA ASN B 380 -8.63 18.66 15.94
C ASN B 380 -8.89 18.48 14.45
N ILE B 381 -8.66 17.28 13.94
CA ILE B 381 -8.98 16.95 12.56
C ILE B 381 -10.38 16.38 12.56
N SER B 382 -11.30 17.05 11.88
CA SER B 382 -12.72 16.74 12.04
C SER B 382 -13.37 16.16 10.79
N GLY B 383 -12.66 16.14 9.68
CA GLY B 383 -13.26 15.68 8.44
C GLY B 383 -12.30 15.54 7.28
N ILE B 384 -12.80 15.00 6.18
CA ILE B 384 -11.97 14.83 4.99
C ILE B 384 -12.69 15.47 3.80
N CYS B 385 -11.93 16.11 2.92
CA CYS B 385 -12.50 16.68 1.71
C CYS B 385 -12.84 15.61 0.68
N SER B 386 -14.04 15.72 0.13
CA SER B 386 -14.53 14.77 -0.86
C SER B 386 -15.39 15.54 -1.85
N ILE B 387 -16.06 14.82 -2.74
CA ILE B 387 -16.83 15.43 -3.80
C ILE B 387 -18.12 14.65 -4.01
N GLY B 388 -19.16 15.33 -4.52
CA GLY B 388 -20.39 14.64 -4.87
C GLY B 388 -21.46 15.53 -5.46
N THR B 389 -22.62 14.95 -5.75
CA THR B 389 -23.68 15.67 -6.43
C THR B 389 -24.79 16.02 -5.45
N TYR B 390 -25.01 17.32 -5.25
CA TYR B 390 -26.02 17.77 -4.31
C TYR B 390 -26.93 18.86 -4.88
N ARG B 391 -28.07 19.05 -4.22
CA ARG B 391 -29.12 19.94 -4.70
C ARG B 391 -28.99 21.36 -4.15
N PHE B 392 -28.91 22.33 -5.05
CA PHE B 392 -28.73 23.73 -4.65
C PHE B 392 -29.63 24.64 -5.47
N ARG B 393 -29.94 25.82 -4.93
CA ARG B 393 -30.47 26.94 -5.71
C ARG B 393 -29.33 27.93 -5.87
N LEU B 394 -28.76 28.02 -7.06
CA LEU B 394 -27.66 28.93 -7.32
C LEU B 394 -28.00 29.86 -8.47
N GLY B 395 -27.37 31.03 -8.48
CA GLY B 395 -27.49 31.97 -9.57
C GLY B 395 -28.87 32.18 -10.14
N GLY B 396 -29.83 32.53 -9.28
CA GLY B 396 -31.16 32.84 -9.78
C GLY B 396 -32.13 31.68 -9.96
N ASP B 397 -31.63 30.44 -9.92
CA ASP B 397 -32.47 29.26 -9.83
C ASP B 397 -33.66 29.52 -8.88
N TRP B 398 -34.88 29.24 -9.32
CA TRP B 398 -36.00 29.19 -8.39
C TRP B 398 -36.09 27.81 -7.74
N TYR B 399 -35.86 26.77 -8.55
CA TYR B 399 -35.87 25.39 -8.09
C TYR B 399 -34.45 24.92 -7.78
N ARG B 400 -34.35 23.87 -6.98
CA ARG B 400 -33.04 23.27 -6.68
C ARG B 400 -32.57 22.43 -7.86
N HIS B 401 -31.27 22.49 -8.13
CA HIS B 401 -30.67 21.66 -9.17
C HIS B 401 -29.47 20.90 -8.65
N ASN B 402 -29.16 19.79 -9.31
CA ASN B 402 -27.99 18.99 -8.97
C ASN B 402 -26.72 19.66 -9.46
N TYR B 403 -25.75 19.77 -8.56
CA TYR B 403 -24.42 20.23 -8.92
C TYR B 403 -23.37 19.29 -8.33
N LEU B 404 -22.27 19.10 -9.05
CA LEU B 404 -21.14 18.35 -8.51
C LEU B 404 -20.27 19.37 -7.78
N VAL B 405 -20.08 19.16 -6.47
CA VAL B 405 -19.44 20.16 -5.61
C VAL B 405 -18.42 19.52 -4.69
N PRO B 406 -17.41 20.29 -4.26
CA PRO B 406 -16.49 19.76 -3.26
C PRO B 406 -17.16 19.78 -1.90
N THR B 407 -16.86 18.79 -1.07
CA THR B 407 -17.47 18.71 0.25
C THR B 407 -16.45 18.35 1.31
N VAL B 408 -16.85 18.55 2.56
CA VAL B 408 -16.17 17.98 3.70
C VAL B 408 -17.14 16.99 4.33
N LYS B 409 -16.67 15.77 4.53
CA LYS B 409 -17.38 14.76 5.30
C LYS B 409 -16.79 14.72 6.72
N GLN B 410 -17.59 15.09 7.71
CA GLN B 410 -17.20 14.99 9.10
C GLN B 410 -17.76 13.70 9.72
N GLY B 411 -18.12 13.74 11.00
CA GLY B 411 -18.51 12.53 11.69
C GLY B 411 -17.36 11.53 11.61
N ASN B 412 -17.67 10.25 11.45
CA ASN B 412 -16.61 9.26 11.30
C ASN B 412 -16.08 9.23 9.87
N TYR B 413 -15.21 10.16 9.54
CA TYR B 413 -14.71 10.26 8.17
C TYR B 413 -13.77 9.11 7.80
N ALA B 414 -13.34 8.34 8.79
CA ALA B 414 -12.39 7.25 8.53
C ALA B 414 -12.95 6.32 7.46
N SER B 415 -14.26 6.20 7.40
CA SER B 415 -14.88 5.31 6.44
C SER B 415 -14.54 5.69 4.99
N LEU B 416 -14.16 6.95 4.77
CA LEU B 416 -13.86 7.42 3.41
C LEU B 416 -12.38 7.42 3.07
N LEU B 417 -11.53 7.07 4.03
CA LEU B 417 -10.08 7.26 3.84
C LEU B 417 -9.51 6.54 2.63
N GLU B 418 -10.15 5.44 2.25
CA GLU B 418 -9.66 4.62 1.15
C GLU B 418 -10.31 4.98 -0.19
N SER B 419 -11.21 5.97 -0.18
CA SER B 419 -11.91 6.37 -1.40
C SER B 419 -11.08 7.32 -2.25
N THR B 420 -10.92 7.00 -3.54
CA THR B 420 -10.19 7.89 -4.44
C THR B 420 -10.91 9.23 -4.65
N SER B 421 -12.17 9.30 -4.23
CA SER B 421 -12.95 10.54 -4.25
C SER B 421 -12.36 11.59 -3.28
N THR B 422 -11.43 11.16 -2.41
CA THR B 422 -10.80 12.07 -1.45
C THR B 422 -9.39 12.46 -1.91
N HIS B 423 -9.06 12.08 -3.15
CA HIS B 423 -7.72 12.33 -3.71
C HIS B 423 -7.73 13.56 -4.61
N TRP B 424 -6.89 14.53 -4.28
CA TRP B 424 -6.84 15.81 -4.96
C TRP B 424 -5.47 16.04 -5.57
N GLY B 425 -5.45 16.42 -6.85
CA GLY B 425 -4.22 16.77 -7.53
C GLY B 425 -4.16 18.25 -7.83
N PHE B 426 -2.95 18.76 -8.04
CA PHE B 426 -2.76 20.17 -8.35
C PHE B 426 -1.94 20.33 -9.62
N VAL B 427 -2.59 20.77 -10.69
CA VAL B 427 -1.92 20.98 -11.96
C VAL B 427 -1.36 22.40 -12.06
N PRO B 428 -0.04 22.52 -12.24
CA PRO B 428 0.56 23.87 -12.33
C PRO B 428 -0.03 24.63 -13.51
N VAL B 429 -0.13 25.95 -13.38
CA VAL B 429 -0.63 26.80 -14.45
C VAL B 429 0.51 27.27 -15.35
N SER B 430 0.41 26.96 -16.64
CA SER B 430 1.45 27.35 -17.61
C SER B 430 1.64 28.87 -17.73
N GLU B 431 0.69 29.63 -17.21
CA GLU B 431 0.71 31.10 -17.31
C GLU B 431 0.50 31.56 -18.75
#